data_2C3H
#
_entry.id   2C3H
#
_cell.length_a   108.204
_cell.length_b   108.204
_cell.length_c   180.493
_cell.angle_alpha   90.00
_cell.angle_beta   90.00
_cell.angle_gamma   120.00
#
_symmetry.space_group_name_H-M   'P 32 2 1'
#
loop_
_entity.id
_entity.type
_entity.pdbx_description
1 polymer 'ALPHA-AMYLASE G-6'
2 branched alpha-D-glucopyranose-(1-4)-alpha-D-glucopyranose
3 non-polymer 'SULFATE ION'
4 non-polymer alpha-D-glucopyranose
5 water water
#
_entity_poly.entity_id   1
_entity_poly.type   'polypeptide(L)'
_entity_poly.pdbx_seq_one_letter_code
;GHMASGLTIYFKKPDSWGTPHLYYYDTNPKVDEPTWSEAPEMEHYEGDWYTHTIEGVESVRLLFKDRGTNQWPGPGEPGF
FRDQDGWFDGEWHVDRPG
;
_entity_poly.pdbx_strand_id   A,B,C,D,E,F,G,H
#
loop_
_chem_comp.id
_chem_comp.type
_chem_comp.name
_chem_comp.formula
GLC D-saccharide, alpha linking alpha-D-glucopyranose 'C6 H12 O6'
SO4 non-polymer 'SULFATE ION' 'O4 S -2'
#
# COMPACT_ATOMS: atom_id res chain seq x y z
N SER A 5 -15.40 -19.22 9.79
CA SER A 5 -14.62 -17.95 9.83
C SER A 5 -13.42 -18.05 8.89
N GLY A 6 -12.32 -17.44 9.32
CA GLY A 6 -11.06 -17.59 8.61
C GLY A 6 -10.48 -16.31 8.09
N LEU A 7 -9.16 -16.23 8.13
CA LEU A 7 -8.49 -15.00 7.77
C LEU A 7 -7.93 -15.13 6.38
N THR A 8 -8.30 -14.18 5.53
CA THR A 8 -7.65 -13.97 4.24
C THR A 8 -6.70 -12.80 4.42
N ILE A 9 -5.48 -13.05 3.98
CA ILE A 9 -4.41 -12.10 4.15
C ILE A 9 -3.74 -11.94 2.80
N TYR A 10 -3.48 -10.69 2.47
CA TYR A 10 -2.87 -10.36 1.21
C TYR A 10 -1.59 -9.73 1.60
N PHE A 11 -0.55 -9.94 0.79
CA PHE A 11 0.77 -9.42 1.14
C PHE A 11 1.49 -8.95 -0.10
N LYS A 12 1.91 -7.69 -0.12
CA LYS A 12 2.71 -7.17 -1.23
C LYS A 12 4.17 -7.63 -1.11
N LYS A 13 4.63 -8.42 -2.08
CA LYS A 13 5.95 -9.00 -2.05
C LYS A 13 7.05 -7.94 -2.28
N PRO A 14 8.05 -7.87 -1.41
CA PRO A 14 9.20 -7.00 -1.70
C PRO A 14 9.89 -7.55 -2.98
N ASP A 15 10.42 -6.65 -3.81
CA ASP A 15 10.98 -7.04 -5.12
C ASP A 15 12.04 -8.11 -5.02
N SER A 16 12.91 -8.01 -4.02
CA SER A 16 14.02 -8.98 -3.86
C SER A 16 13.63 -10.32 -3.20
N TRP A 17 12.36 -10.50 -2.84
CA TRP A 17 11.93 -11.73 -2.20
C TRP A 17 11.56 -12.80 -3.21
N GLY A 18 11.74 -14.03 -2.79
CA GLY A 18 11.11 -15.14 -3.47
C GLY A 18 9.59 -15.14 -3.20
N THR A 19 8.85 -16.13 -3.72
CA THR A 19 7.40 -16.04 -3.53
C THR A 19 7.03 -16.21 -2.07
N PRO A 20 6.19 -15.35 -1.54
CA PRO A 20 5.99 -15.31 -0.10
C PRO A 20 5.30 -16.54 0.51
N HIS A 21 5.72 -16.92 1.72
CA HIS A 21 4.99 -17.86 2.56
C HIS A 21 4.40 -17.17 3.79
N LEU A 22 3.33 -17.73 4.31
CA LEU A 22 2.67 -17.14 5.47
C LEU A 22 2.87 -18.07 6.65
N TYR A 23 3.65 -17.62 7.63
CA TYR A 23 3.85 -18.38 8.86
C TYR A 23 2.90 -17.81 9.89
N TYR A 24 2.28 -18.68 10.72
CA TYR A 24 1.31 -18.18 11.69
C TYR A 24 1.23 -19.06 12.94
N TYR A 25 0.93 -18.47 14.09
CA TYR A 25 0.84 -19.24 15.34
C TYR A 25 -0.13 -18.46 16.19
N ASP A 26 -0.35 -18.91 17.44
CA ASP A 26 -1.38 -18.41 18.32
C ASP A 26 -2.75 -18.38 17.63
N THR A 27 -3.07 -19.41 16.83
CA THR A 27 -4.38 -19.43 16.19
C THR A 27 -5.48 -19.49 17.26
N ASN A 28 -6.53 -18.72 17.00
CA ASN A 28 -7.73 -18.77 17.80
C ASN A 28 -8.96 -18.71 16.89
N PRO A 29 -9.77 -19.77 16.93
CA PRO A 29 -9.50 -20.96 17.73
C PRO A 29 -8.35 -21.82 17.19
N LYS A 30 -7.88 -22.74 18.03
CA LYS A 30 -6.70 -23.52 17.72
C LYS A 30 -6.90 -24.38 16.47
N VAL A 31 -5.89 -24.33 15.62
CA VAL A 31 -5.93 -24.98 14.35
C VAL A 31 -4.52 -25.50 14.12
N ASP A 32 -4.31 -26.44 13.20
CA ASP A 32 -2.96 -26.93 12.96
C ASP A 32 -2.05 -25.76 12.55
N GLU A 33 -0.80 -25.80 13.03
CA GLU A 33 0.17 -24.73 12.88
C GLU A 33 1.49 -25.24 12.26
N PRO A 34 1.74 -24.90 11.00
CA PRO A 34 3.03 -25.28 10.38
C PRO A 34 4.23 -24.73 11.09
N THR A 35 5.25 -25.56 11.08
CA THR A 35 6.64 -25.19 11.19
C THR A 35 7.08 -24.01 10.25
N TRP A 36 8.03 -23.20 10.72
CA TRP A 36 8.68 -22.14 9.94
C TRP A 36 8.96 -22.59 8.49
N SER A 37 9.65 -23.74 8.32
CA SER A 37 10.08 -24.19 6.98
C SER A 37 8.92 -24.77 6.16
N GLU A 38 7.83 -25.06 6.84
CA GLU A 38 6.68 -25.60 6.15
C GLU A 38 5.56 -24.59 6.06
N ALA A 39 5.77 -23.34 6.50
CA ALA A 39 4.79 -22.29 6.24
C ALA A 39 4.35 -22.32 4.78
N PRO A 40 3.03 -22.26 4.51
CA PRO A 40 2.53 -22.37 3.13
C PRO A 40 2.76 -21.15 2.20
N GLU A 41 2.95 -21.54 0.93
CA GLU A 41 2.98 -20.68 -0.24
C GLU A 41 1.75 -19.83 -0.31
N MET A 42 1.93 -18.52 -0.40
CA MET A 42 0.80 -17.68 -0.66
C MET A 42 0.50 -17.78 -2.15
N GLU A 43 -0.76 -18.02 -2.51
CA GLU A 43 -1.23 -18.01 -3.88
C GLU A 43 -0.99 -16.65 -4.48
N HIS A 44 -0.53 -16.61 -5.73
CA HIS A 44 -0.39 -15.34 -6.44
C HIS A 44 -1.75 -14.69 -6.60
N TYR A 45 -1.85 -13.40 -6.32
CA TYR A 45 -3.14 -12.70 -6.46
C TYR A 45 -3.20 -11.80 -7.69
N GLU A 46 -2.57 -10.63 -7.66
CA GLU A 46 -2.52 -9.68 -8.77
C GLU A 46 -1.26 -8.84 -8.62
N GLY A 47 -0.41 -8.83 -9.65
CA GLY A 47 0.82 -8.05 -9.62
C GLY A 47 1.77 -8.51 -8.52
N ASP A 48 2.10 -7.62 -7.58
CA ASP A 48 2.98 -7.96 -6.46
C ASP A 48 2.24 -8.66 -5.32
N TRP A 49 0.91 -8.67 -5.36
CA TRP A 49 0.11 -9.15 -4.25
C TRP A 49 -0.11 -10.63 -4.26
N TYR A 50 0.04 -11.23 -3.09
CA TYR A 50 -0.20 -12.65 -2.88
C TYR A 50 -1.17 -12.81 -1.73
N THR A 51 -1.73 -14.00 -1.59
CA THR A 51 -2.84 -14.20 -0.68
C THR A 51 -2.84 -15.57 -0.03
N HIS A 52 -3.31 -15.64 1.21
CA HIS A 52 -3.63 -16.95 1.80
C HIS A 52 -4.73 -16.81 2.85
N THR A 53 -5.60 -17.81 2.88
CA THR A 53 -6.68 -17.87 3.86
C THR A 53 -6.34 -18.93 4.91
N ILE A 54 -6.31 -18.51 6.16
CA ILE A 54 -6.20 -19.47 7.24
C ILE A 54 -7.62 -19.96 7.59
N GLU A 55 -7.92 -21.20 7.24
CA GLU A 55 -9.24 -21.73 7.64
C GLU A 55 -9.37 -21.86 9.18
N GLY A 56 -10.58 -21.61 9.68
CA GLY A 56 -10.99 -21.98 11.02
C GLY A 56 -10.74 -21.00 12.14
N VAL A 57 -10.40 -19.76 11.80
CA VAL A 57 -9.67 -18.86 12.68
C VAL A 57 -10.33 -17.49 12.79
N GLU A 58 -10.44 -16.95 13.99
CA GLU A 58 -10.85 -15.57 14.18
C GLU A 58 -9.59 -14.70 14.22
N SER A 59 -8.61 -15.10 15.03
CA SER A 59 -7.40 -14.34 15.21
C SER A 59 -6.13 -15.23 15.07
N VAL A 60 -5.01 -14.55 14.78
CA VAL A 60 -3.72 -15.16 14.46
C VAL A 60 -2.59 -14.14 14.72
N ARG A 61 -1.39 -14.67 15.02
CA ARG A 61 -0.13 -13.92 14.86
C ARG A 61 0.59 -14.48 13.65
N LEU A 62 1.09 -13.57 12.81
CA LEU A 62 1.66 -14.02 11.56
C LEU A 62 2.96 -13.33 11.16
N LEU A 63 3.80 -14.06 10.43
CA LEU A 63 4.98 -13.45 9.83
C LEU A 63 4.97 -13.82 8.36
N PHE A 64 5.46 -12.91 7.52
CA PHE A 64 5.76 -13.26 6.12
C PHE A 64 7.22 -13.70 6.00
N LYS A 65 7.45 -14.69 5.15
CA LYS A 65 8.79 -15.21 4.80
C LYS A 65 8.84 -15.65 3.32
N ASP A 66 10.05 -15.90 2.82
CA ASP A 66 10.16 -16.66 1.59
C ASP A 66 10.82 -18.02 1.87
N ARG A 67 11.13 -18.81 0.85
CA ARG A 67 11.82 -20.08 1.07
C ARG A 67 13.29 -19.82 1.49
N GLY A 68 13.78 -18.60 1.27
CA GLY A 68 15.10 -18.19 1.76
C GLY A 68 15.15 -17.82 3.23
N THR A 69 15.94 -16.80 3.55
CA THR A 69 16.07 -16.28 4.91
C THR A 69 15.35 -14.97 5.14
N ASN A 70 14.55 -14.53 4.19
CA ASN A 70 13.90 -13.25 4.37
C ASN A 70 12.67 -13.49 5.23
N GLN A 71 12.33 -12.50 6.03
CA GLN A 71 11.07 -12.54 6.78
C GLN A 71 10.75 -11.12 7.17
N TRP A 72 9.49 -10.92 7.45
CA TRP A 72 8.97 -9.63 7.91
C TRP A 72 7.80 -9.94 8.87
N PRO A 73 7.91 -9.63 10.15
CA PRO A 73 9.07 -8.96 10.78
C PRO A 73 10.29 -9.85 11.04
N GLY A 74 11.34 -9.24 11.60
CA GLY A 74 12.63 -9.86 11.84
C GLY A 74 12.64 -11.15 12.65
N PRO A 75 13.77 -11.82 12.61
CA PRO A 75 13.90 -13.07 13.34
C PRO A 75 13.50 -12.85 14.79
N GLY A 76 12.56 -13.66 15.27
CA GLY A 76 12.21 -13.65 16.69
C GLY A 76 11.17 -12.60 17.07
N GLU A 77 10.95 -11.61 16.20
CA GLU A 77 9.97 -10.56 16.55
C GLU A 77 8.58 -11.19 16.52
N PRO A 78 7.70 -10.76 17.41
CA PRO A 78 6.34 -11.31 17.39
C PRO A 78 5.63 -11.14 16.05
N GLY A 79 4.79 -12.11 15.73
CA GLY A 79 3.94 -12.03 14.55
C GLY A 79 3.08 -10.77 14.56
N PHE A 80 2.64 -10.33 13.38
CA PHE A 80 1.61 -9.31 13.30
C PHE A 80 0.29 -9.97 13.84
N PHE A 81 -0.47 -9.25 14.64
CA PHE A 81 -1.79 -9.74 15.12
C PHE A 81 -2.95 -9.27 14.23
N ARG A 82 -3.67 -10.23 13.65
CA ARG A 82 -4.98 -10.02 13.01
C ARG A 82 -5.95 -11.01 13.70
N ASP A 83 -7.21 -10.79 14.06
CA ASP A 83 -8.33 -9.90 13.77
C ASP A 83 -9.26 -10.06 12.60
N GLN A 84 -8.80 -9.70 11.42
CA GLN A 84 -9.69 -9.52 10.31
C GLN A 84 -8.79 -9.43 9.13
N ASP A 85 -9.32 -9.66 7.94
CA ASP A 85 -8.58 -9.39 6.74
C ASP A 85 -7.98 -7.92 6.84
N GLY A 86 -6.84 -7.60 6.22
CA GLY A 86 -6.09 -8.47 5.41
C GLY A 86 -5.00 -7.92 4.51
N TRP A 87 -4.80 -6.60 4.24
CA TRP A 87 -3.74 -6.17 3.21
C TRP A 87 -2.50 -5.47 3.74
N PHE A 88 -1.34 -6.11 3.53
CA PHE A 88 -0.11 -5.55 4.08
C PHE A 88 0.89 -5.15 3.00
N ASP A 89 1.19 -3.85 2.91
CA ASP A 89 2.15 -3.33 1.93
C ASP A 89 3.28 -2.61 2.63
N GLY A 90 3.51 -2.95 3.90
CA GLY A 90 4.41 -2.20 4.77
C GLY A 90 3.66 -1.52 5.89
N GLU A 91 2.36 -1.34 5.70
CA GLU A 91 1.41 -0.99 6.77
C GLU A 91 0.15 -1.81 6.50
N TRP A 92 -0.69 -1.99 7.51
CA TRP A 92 -1.90 -2.80 7.33
C TRP A 92 -3.08 -1.97 6.87
N HIS A 93 -3.91 -2.55 6.01
CA HIS A 93 -5.11 -1.94 5.44
C HIS A 93 -6.31 -2.93 5.38
N VAL A 94 -7.50 -2.41 5.59
CA VAL A 94 -8.70 -3.21 5.52
C VAL A 94 -9.01 -3.41 4.02
N ASP A 95 -8.62 -2.45 3.17
CA ASP A 95 -8.78 -2.62 1.72
C ASP A 95 -7.47 -2.48 0.96
N ARG A 96 -7.44 -3.06 -0.24
CA ARG A 96 -6.30 -2.92 -1.14
C ARG A 96 -5.98 -1.43 -1.40
N PRO A 97 -4.79 -1.01 -0.99
CA PRO A 97 -4.38 0.41 -1.05
C PRO A 97 -4.03 0.99 -2.43
N ALA B 4 18.46 6.53 -18.94
CA ALA B 4 17.45 5.52 -18.50
C ALA B 4 17.78 4.70 -17.22
N SER B 5 18.32 5.31 -16.16
CA SER B 5 18.29 4.63 -14.84
C SER B 5 16.84 4.52 -14.28
N GLY B 6 15.89 5.14 -14.98
CA GLY B 6 14.51 5.21 -14.50
C GLY B 6 14.03 6.63 -14.20
N LEU B 7 12.77 6.76 -13.82
CA LEU B 7 12.18 8.04 -13.42
C LEU B 7 11.63 7.86 -12.02
N THR B 8 12.09 8.68 -11.11
CA THR B 8 11.54 8.67 -9.78
C THR B 8 10.56 9.83 -9.62
N ILE B 9 9.38 9.53 -9.12
CA ILE B 9 8.36 10.56 -9.01
C ILE B 9 7.84 10.52 -7.60
N TYR B 10 7.61 11.72 -7.10
CA TYR B 10 7.08 11.97 -5.78
C TYR B 10 5.83 12.76 -5.98
N PHE B 11 4.88 12.43 -5.11
CA PHE B 11 3.55 12.96 -5.17
C PHE B 11 3.04 13.21 -3.74
N LYS B 12 2.59 14.43 -3.49
CA LYS B 12 2.00 14.79 -2.22
C LYS B 12 0.48 14.57 -2.27
N LYS B 13 0.02 13.54 -1.56
CA LYS B 13 -1.38 13.06 -1.58
C LYS B 13 -2.36 14.08 -1.04
N PRO B 14 -3.38 14.46 -1.83
CA PRO B 14 -4.43 15.32 -1.26
C PRO B 14 -5.15 14.49 -0.20
N ASP B 15 -5.58 15.13 0.90
CA ASP B 15 -6.20 14.42 2.05
C ASP B 15 -7.39 13.54 1.68
N SER B 16 -8.14 13.94 0.68
CA SER B 16 -9.29 13.15 0.26
C SER B 16 -8.92 11.81 -0.39
N TRP B 17 -7.69 11.70 -0.88
CA TRP B 17 -7.31 10.57 -1.72
C TRP B 17 -7.01 9.36 -0.86
N GLY B 18 -7.23 8.18 -1.39
CA GLY B 18 -6.58 6.99 -0.82
C GLY B 18 -5.16 6.95 -1.31
N THR B 19 -4.48 5.83 -1.08
CA THR B 19 -3.10 5.66 -1.55
C THR B 19 -2.97 5.92 -3.03
N PRO B 20 -2.05 6.82 -3.39
CA PRO B 20 -1.80 7.13 -4.79
C PRO B 20 -1.18 5.96 -5.54
N HIS B 21 -1.65 5.77 -6.79
CA HIS B 21 -0.98 4.96 -7.79
C HIS B 21 -0.51 5.83 -8.94
N LEU B 22 0.45 5.31 -9.70
CA LEU B 22 1.06 6.07 -10.77
C LEU B 22 0.72 5.40 -12.10
N TYR B 23 -0.15 6.05 -12.86
CA TYR B 23 -0.46 5.59 -14.19
C TYR B 23 0.48 6.28 -15.14
N TYR B 24 0.91 5.54 -16.17
CA TYR B 24 1.81 6.11 -17.17
C TYR B 24 1.72 5.41 -18.52
N TYR B 25 1.78 6.21 -19.56
CA TYR B 25 1.98 5.73 -20.92
C TYR B 25 3.07 6.58 -21.58
N ASP B 26 3.13 6.51 -22.91
CA ASP B 26 4.26 7.05 -23.72
C ASP B 26 5.57 6.81 -23.12
N THR B 27 5.91 5.57 -22.79
CA THR B 27 7.22 5.42 -22.23
C THR B 27 8.24 5.43 -23.36
N ASN B 28 9.30 6.19 -23.15
CA ASN B 28 10.49 6.07 -23.97
C ASN B 28 11.70 5.84 -23.07
N PRO B 29 12.48 4.76 -23.27
CA PRO B 29 12.19 3.69 -24.22
C PRO B 29 10.97 2.98 -23.77
N LYS B 30 10.36 2.25 -24.70
CA LYS B 30 9.10 1.57 -24.47
C LYS B 30 9.25 0.47 -23.43
N VAL B 31 8.39 0.55 -22.43
CA VAL B 31 8.50 -0.32 -21.29
C VAL B 31 7.05 -0.81 -21.06
N ASP B 32 6.88 -1.94 -20.36
CA ASP B 32 5.52 -2.41 -20.03
C ASP B 32 4.74 -1.23 -19.42
N GLU B 33 3.54 -1.00 -19.93
CA GLU B 33 2.70 0.10 -19.47
C GLU B 33 1.38 -0.41 -18.90
N PRO B 34 1.10 -0.02 -17.65
CA PRO B 34 -0.04 -0.54 -16.89
C PRO B 34 -1.33 0.07 -17.40
N THR B 35 -2.32 -0.78 -17.49
CA THR B 35 -3.70 -0.41 -17.46
C THR B 35 -4.01 0.58 -16.32
N TRP B 36 -4.99 1.44 -16.52
CA TRP B 36 -5.55 2.32 -15.47
C TRP B 36 -5.72 1.63 -14.12
N SER B 37 -6.47 0.53 -14.14
CA SER B 37 -6.90 -0.14 -12.93
C SER B 37 -5.71 -0.96 -12.37
N GLU B 38 -4.66 -1.12 -13.15
CA GLU B 38 -3.46 -1.80 -12.66
C GLU B 38 -2.28 -0.90 -12.36
N ALA B 39 -2.47 0.42 -12.45
CA ALA B 39 -1.37 1.36 -12.27
C ALA B 39 -0.78 1.00 -10.92
N PRO B 40 0.56 0.89 -10.86
CA PRO B 40 1.28 0.49 -9.66
C PRO B 40 1.11 1.44 -8.49
N GLU B 41 1.13 0.86 -7.28
CA GLU B 41 1.02 1.60 -6.04
C GLU B 41 2.25 2.43 -5.84
N MET B 42 2.07 3.69 -5.46
CA MET B 42 3.22 4.46 -4.99
C MET B 42 3.58 4.10 -3.52
N GLU B 43 4.87 3.86 -3.22
CA GLU B 43 5.34 3.68 -1.84
C GLU B 43 5.25 4.98 -1.04
N HIS B 44 4.90 4.79 0.23
CA HIS B 44 4.84 5.88 1.18
C HIS B 44 6.21 6.38 1.52
N TYR B 45 6.45 7.68 1.39
CA TYR B 45 7.82 8.17 1.57
C TYR B 45 7.94 8.81 2.96
N GLU B 46 7.26 9.94 3.15
CA GLU B 46 6.94 10.46 4.49
C GLU B 46 5.82 11.50 4.44
N GLY B 47 5.03 11.50 5.55
CA GLY B 47 3.92 12.39 5.69
C GLY B 47 2.98 12.07 4.58
N ASP B 48 2.71 13.09 3.76
CA ASP B 48 1.80 12.99 2.66
C ASP B 48 2.52 12.56 1.35
N TRP B 49 3.85 12.50 1.37
CA TRP B 49 4.61 12.17 0.16
C TRP B 49 4.71 10.66 -0.06
N TYR B 50 4.38 10.28 -1.30
CA TYR B 50 4.56 8.96 -1.85
C TYR B 50 5.52 9.01 -3.03
N THR B 51 6.09 7.85 -3.39
CA THR B 51 7.13 7.79 -4.39
C THR B 51 7.03 6.48 -5.15
N HIS B 52 7.56 6.48 -6.37
CA HIS B 52 7.67 5.27 -7.18
C HIS B 52 8.62 5.57 -8.34
N THR B 53 9.48 4.60 -8.60
CA THR B 53 10.43 4.63 -9.68
C THR B 53 9.90 3.76 -10.82
N ILE B 54 9.84 4.35 -12.02
CA ILE B 54 9.52 3.58 -13.25
C ILE B 54 10.83 3.14 -13.89
N GLU B 55 11.17 1.86 -13.82
CA GLU B 55 12.51 1.45 -14.23
C GLU B 55 12.58 1.52 -15.72
N GLY B 56 13.76 1.79 -16.22
CA GLY B 56 14.12 1.57 -17.62
C GLY B 56 13.67 2.61 -18.62
N VAL B 57 13.39 3.82 -18.15
CA VAL B 57 12.62 4.78 -18.90
C VAL B 57 13.29 6.14 -18.77
N GLU B 58 13.14 6.99 -19.79
CA GLU B 58 13.70 8.33 -19.77
C GLU B 58 12.62 9.43 -19.65
N SER B 59 11.47 9.16 -20.25
CA SER B 59 10.40 10.11 -20.20
C SER B 59 9.13 9.27 -20.33
N VAL B 60 8.00 9.89 -20.03
CA VAL B 60 6.77 9.22 -19.67
C VAL B 60 5.69 10.30 -19.70
N ARG B 61 4.46 9.92 -20.08
CA ARG B 61 3.30 10.74 -19.74
C ARG B 61 2.60 10.08 -18.57
N LEU B 62 2.18 10.89 -17.59
CA LEU B 62 1.77 10.34 -16.29
C LEU B 62 0.54 10.99 -15.65
N LEU B 63 -0.21 10.18 -14.91
CA LEU B 63 -1.32 10.67 -14.11
C LEU B 63 -1.32 9.97 -12.75
N PHE B 64 -1.71 10.71 -11.73
CA PHE B 64 -1.84 10.17 -10.39
C PHE B 64 -3.28 9.78 -10.20
N LYS B 65 -3.52 8.75 -9.42
CA LYS B 65 -4.89 8.32 -9.12
C LYS B 65 -4.89 7.57 -7.82
N ASP B 66 -6.05 7.33 -7.26
CA ASP B 66 -6.14 6.29 -6.26
C ASP B 66 -6.97 5.13 -6.80
N ARG B 67 -7.28 4.16 -5.94
CA ARG B 67 -8.11 3.03 -6.34
C ARG B 67 -9.58 3.40 -6.39
N GLY B 68 -9.92 4.64 -6.03
CA GLY B 68 -11.27 5.18 -6.14
C GLY B 68 -11.43 6.01 -7.43
N THR B 69 -11.99 7.18 -7.34
CA THR B 69 -12.19 7.94 -8.59
C THR B 69 -11.36 9.20 -8.67
N ASN B 70 -10.43 9.37 -7.73
CA ASN B 70 -9.56 10.53 -7.76
C ASN B 70 -8.49 10.40 -8.83
N GLN B 71 -8.22 11.49 -9.54
CA GLN B 71 -7.07 11.51 -10.41
C GLN B 71 -6.55 12.90 -10.65
N TRP B 72 -5.30 12.98 -11.07
CA TRP B 72 -4.64 14.25 -11.29
C TRP B 72 -3.51 13.97 -12.30
N PRO B 73 -3.61 14.54 -13.48
CA PRO B 73 -4.75 15.38 -13.92
C PRO B 73 -6.13 14.75 -14.14
N GLY B 74 -7.11 15.61 -14.46
CA GLY B 74 -8.54 15.25 -14.42
C GLY B 74 -8.92 14.21 -15.47
N PRO B 75 -10.09 13.61 -15.32
CA PRO B 75 -10.44 12.48 -16.20
C PRO B 75 -10.23 12.84 -17.68
N GLY B 76 -9.57 11.90 -18.35
CA GLY B 76 -9.34 12.01 -19.78
C GLY B 76 -8.27 13.02 -20.15
N GLU B 77 -7.86 13.88 -19.20
CA GLU B 77 -6.81 14.86 -19.47
C GLU B 77 -5.45 14.19 -19.75
N PRO B 78 -4.68 14.73 -20.67
CA PRO B 78 -3.41 14.08 -20.98
C PRO B 78 -2.50 14.04 -19.74
N GLY B 79 -1.70 13.00 -19.61
CA GLY B 79 -0.70 12.93 -18.55
C GLY B 79 0.35 14.06 -18.53
N PHE B 80 0.86 14.38 -17.38
CA PHE B 80 2.04 15.26 -17.30
C PHE B 80 3.25 14.63 -18.01
N PHE B 81 3.96 15.42 -18.79
CA PHE B 81 5.22 14.97 -19.37
C PHE B 81 6.40 15.13 -18.41
N ARG B 82 7.08 14.02 -18.11
CA ARG B 82 8.38 13.98 -17.40
C ARG B 82 9.16 12.90 -18.13
N ASP B 83 10.47 12.85 -18.28
CA ASP B 83 11.53 13.81 -18.37
C ASP B 83 12.62 13.83 -17.30
N GLN B 84 12.30 14.25 -16.07
CA GLN B 84 13.27 14.26 -14.97
C GLN B 84 12.52 13.75 -13.74
N ASP B 85 13.20 13.13 -12.78
CA ASP B 85 12.72 13.17 -11.42
C ASP B 85 12.19 14.63 -11.19
N GLY B 86 11.09 14.93 -10.53
CA GLY B 86 10.49 14.11 -9.56
C GLY B 86 9.29 14.61 -8.78
N TRP B 87 9.20 15.87 -8.28
CA TRP B 87 8.24 16.15 -7.15
C TRP B 87 6.99 16.98 -7.48
N PHE B 88 5.82 16.46 -7.16
CA PHE B 88 4.57 17.13 -7.50
C PHE B 88 3.63 17.33 -6.31
N ASP B 89 3.36 18.61 -6.00
CA ASP B 89 2.49 19.01 -4.88
C ASP B 89 1.40 20.05 -5.32
N GLY B 90 0.99 19.98 -6.60
CA GLY B 90 0.14 20.99 -7.22
C GLY B 90 0.96 21.76 -8.24
N GLU B 91 2.29 21.72 -8.09
CA GLU B 91 3.26 22.13 -9.14
C GLU B 91 4.38 21.13 -9.20
N TRP B 92 5.22 21.19 -10.23
CA TRP B 92 6.36 20.28 -10.37
C TRP B 92 7.60 20.96 -9.89
N HIS B 93 8.51 20.21 -9.27
CA HIS B 93 9.78 20.74 -8.80
C HIS B 93 10.78 19.59 -9.02
N VAL B 94 12.04 19.89 -9.42
CA VAL B 94 12.99 18.79 -9.50
C VAL B 94 13.47 18.31 -8.12
N ASP B 95 13.46 19.18 -7.10
CA ASP B 95 14.04 18.77 -5.80
C ASP B 95 13.04 18.48 -4.68
N ARG B 96 12.00 19.26 -4.51
CA ARG B 96 11.24 19.06 -3.23
C ARG B 96 11.39 20.30 -2.49
N PRO B 97 10.26 20.99 -2.41
CA PRO B 97 10.15 22.37 -1.93
C PRO B 97 10.86 22.73 -0.61
N GLY C 6 7.99 11.95 16.64
CA GLY C 6 7.11 11.29 17.66
C GLY C 6 6.18 10.20 17.12
N LEU C 7 5.66 9.39 18.02
CA LEU C 7 4.56 8.51 17.67
C LEU C 7 3.45 8.95 18.57
N THR C 8 2.39 9.45 17.96
CA THR C 8 1.20 9.86 18.69
C THR C 8 0.13 8.78 18.64
N ILE C 9 -0.31 8.37 19.82
CA ILE C 9 -1.25 7.27 19.88
C ILE C 9 -2.51 7.69 20.59
N TYR C 10 -3.61 7.16 20.07
CA TYR C 10 -4.95 7.44 20.58
C TYR C 10 -5.59 6.12 20.89
N PHE C 11 -6.26 6.08 22.03
CA PHE C 11 -6.95 4.87 22.47
C PHE C 11 -8.32 5.17 23.07
N LYS C 12 -9.34 4.48 22.57
CA LYS C 12 -10.70 4.62 23.07
C LYS C 12 -10.88 3.71 24.32
N LYS C 13 -10.86 4.34 25.49
CA LYS C 13 -11.07 3.69 26.80
C LYS C 13 -12.39 2.90 26.93
N PRO C 14 -12.33 1.57 27.09
CA PRO C 14 -13.53 0.77 27.41
C PRO C 14 -14.14 1.25 28.70
N ASP C 15 -15.47 1.19 28.79
CA ASP C 15 -16.17 1.65 29.99
C ASP C 15 -15.66 0.96 31.26
N SER C 16 -15.27 -0.32 31.18
CA SER C 16 -14.85 -1.00 32.40
C SER C 16 -13.51 -0.47 32.98
N TRP C 17 -12.76 0.31 32.17
CA TRP C 17 -11.40 0.67 32.54
C TRP C 17 -11.33 1.95 33.33
N GLY C 18 -10.34 2.04 34.22
CA GLY C 18 -9.89 3.33 34.68
C GLY C 18 -9.11 4.00 33.57
N THR C 19 -8.54 5.15 33.88
CA THR C 19 -7.92 5.93 32.83
C THR C 19 -6.66 5.26 32.30
N PRO C 20 -6.58 5.14 30.99
CA PRO C 20 -5.48 4.37 30.36
C PRO C 20 -4.10 4.95 30.51
N HIS C 21 -3.12 4.08 30.68
CA HIS C 21 -1.72 4.42 30.60
C HIS C 21 -1.19 3.65 29.38
N LEU C 22 -0.18 4.20 28.74
CA LEU C 22 0.45 3.53 27.59
C LEU C 22 1.78 2.93 28.00
N TYR C 23 1.89 1.62 27.90
CA TYR C 23 3.14 0.94 28.19
C TYR C 23 3.84 0.64 26.88
N TYR C 24 5.15 0.82 26.82
CA TYR C 24 5.86 0.48 25.59
C TYR C 24 7.30 0.04 25.82
N TYR C 25 7.72 -0.87 24.95
CA TYR C 25 9.09 -1.30 24.85
C TYR C 25 9.49 -1.37 23.37
N ASP C 26 10.65 -1.95 23.08
CA ASP C 26 11.22 -1.89 21.71
C ASP C 26 11.24 -0.51 21.07
N THR C 27 11.65 0.51 21.82
CA THR C 27 11.69 1.81 21.19
C THR C 27 12.79 1.85 20.13
N ASN C 28 12.45 2.47 19.02
CA ASN C 28 13.39 2.62 17.94
C ASN C 28 13.20 3.97 17.32
N PRO C 29 14.19 4.84 17.44
CA PRO C 29 15.41 4.66 18.25
C PRO C 29 15.23 4.47 19.77
N LYS C 30 16.17 3.79 20.40
CA LYS C 30 16.10 3.56 21.84
C LYS C 30 15.90 4.86 22.63
N VAL C 31 14.88 4.84 23.50
CA VAL C 31 14.48 5.96 24.33
C VAL C 31 14.20 5.38 25.72
N ASP C 32 14.07 6.21 26.75
CA ASP C 32 13.66 5.74 28.07
C ASP C 32 12.38 4.89 27.98
N GLU C 33 12.40 3.69 28.56
CA GLU C 33 11.23 2.83 28.56
C GLU C 33 10.70 2.56 29.96
N PRO C 34 9.73 3.36 30.40
CA PRO C 34 9.12 3.09 31.71
C PRO C 34 8.71 1.62 31.94
N THR C 35 8.88 1.28 33.18
CA THR C 35 8.33 0.08 33.79
C THR C 35 6.78 -0.08 33.65
N TRP C 36 6.31 -1.33 33.58
CA TRP C 36 4.86 -1.59 33.55
C TRP C 36 4.07 -0.76 34.59
N SER C 37 4.58 -0.72 35.83
CA SER C 37 3.91 0.02 36.89
C SER C 37 4.22 1.51 36.87
N GLU C 38 5.22 1.88 36.08
CA GLU C 38 5.63 3.27 35.97
C GLU C 38 4.93 3.93 34.79
N ALA C 39 4.32 3.12 33.92
CA ALA C 39 3.79 3.65 32.65
C ALA C 39 2.74 4.73 32.95
N PRO C 40 2.90 5.95 32.46
CA PRO C 40 2.06 7.05 33.01
C PRO C 40 0.71 7.20 32.30
N GLU C 41 -0.17 8.05 32.84
CA GLU C 41 -1.52 8.25 32.31
C GLU C 41 -1.46 8.88 30.91
N MET C 42 -2.29 8.37 30.02
CA MET C 42 -2.55 9.06 28.76
C MET C 42 -3.33 10.36 29.03
N GLU C 43 -3.17 11.40 28.20
CA GLU C 43 -4.03 12.57 28.36
C GLU C 43 -5.38 12.26 27.75
N HIS C 44 -6.38 12.76 28.42
CA HIS C 44 -7.73 12.69 27.93
C HIS C 44 -7.74 13.61 26.72
N TYR C 45 -8.32 13.11 25.65
CA TYR C 45 -8.26 13.83 24.42
C TYR C 45 -9.66 14.40 24.15
N GLU C 46 -10.62 13.49 23.88
CA GLU C 46 -11.99 13.85 23.62
C GLU C 46 -12.95 12.67 23.90
N GLY C 47 -14.00 12.92 24.70
CA GLY C 47 -14.97 11.88 25.03
C GLY C 47 -14.22 10.69 25.64
N ASP C 48 -14.36 9.51 25.02
CA ASP C 48 -13.69 8.29 25.47
C ASP C 48 -12.22 8.16 25.01
N TRP C 49 -11.72 9.12 24.22
CA TRP C 49 -10.43 8.96 23.59
C TRP C 49 -9.36 9.56 24.45
N TYR C 50 -8.28 8.80 24.64
CA TYR C 50 -7.10 9.32 25.33
C TYR C 50 -5.95 9.38 24.35
N THR C 51 -4.96 10.19 24.66
CA THR C 51 -3.81 10.34 23.79
C THR C 51 -2.46 10.38 24.48
N HIS C 52 -1.43 9.95 23.75
CA HIS C 52 -0.05 10.05 24.23
C HIS C 52 0.93 10.09 23.06
N THR C 53 1.85 11.06 23.11
CA THR C 53 2.91 11.06 22.15
C THR C 53 4.18 10.45 22.79
N ILE C 54 4.75 9.39 22.18
CA ILE C 54 6.08 8.94 22.60
C ILE C 54 7.09 9.68 21.76
N GLU C 55 7.91 10.51 22.41
CA GLU C 55 8.94 11.32 21.72
C GLU C 55 10.13 10.56 21.21
N GLY C 56 10.70 11.06 20.11
CA GLY C 56 12.00 10.66 19.61
C GLY C 56 12.02 9.22 19.18
N VAL C 57 10.87 8.74 18.73
CA VAL C 57 10.67 7.33 18.47
C VAL C 57 10.06 7.14 17.06
N GLU C 58 10.51 6.13 16.32
CA GLU C 58 9.91 5.86 15.01
C GLU C 58 9.01 4.67 15.05
N SER C 59 9.42 3.64 15.76
CA SER C 59 8.52 2.52 15.97
C SER C 59 8.58 2.07 17.43
N VAL C 60 7.59 1.28 17.82
CA VAL C 60 7.42 0.87 19.19
C VAL C 60 6.53 -0.34 19.26
N ARG C 61 6.70 -1.13 20.33
CA ARG C 61 5.75 -2.15 20.72
C ARG C 61 4.98 -1.68 21.94
N LEU C 62 3.66 -1.73 21.88
CA LEU C 62 2.85 -1.09 22.95
C LEU C 62 1.67 -1.90 23.46
N LEU C 63 1.33 -1.67 24.74
CA LEU C 63 0.12 -2.23 25.34
C LEU C 63 -0.57 -1.10 26.10
N PHE C 64 -1.89 -1.15 26.15
CA PHE C 64 -2.65 -0.20 26.96
C PHE C 64 -3.01 -0.84 28.25
N LYS C 65 -3.15 -0.04 29.27
CA LYS C 65 -3.44 -0.57 30.60
C LYS C 65 -4.12 0.49 31.41
N ASP C 66 -4.90 0.07 32.39
CA ASP C 66 -5.26 1.03 33.41
C ASP C 66 -4.42 0.73 34.64
N ARG C 67 -4.61 1.49 35.71
CA ARG C 67 -3.88 1.28 36.97
C ARG C 67 -4.37 0.03 37.74
N GLY C 68 -5.36 -0.68 37.22
CA GLY C 68 -5.79 -1.93 37.84
C GLY C 68 -5.25 -3.12 37.07
N THR C 69 -6.14 -4.07 36.76
CA THR C 69 -5.79 -5.32 36.08
C THR C 69 -6.12 -5.31 34.60
N ASN C 70 -6.65 -4.21 34.05
CA ASN C 70 -6.95 -4.22 32.63
C ASN C 70 -5.72 -3.91 31.79
N GLN C 71 -5.63 -4.62 30.69
CA GLN C 71 -4.60 -4.33 29.68
C GLN C 71 -5.00 -4.89 28.33
N TRP C 72 -4.41 -4.34 27.27
CA TRP C 72 -4.76 -4.65 25.89
C TRP C 72 -3.51 -4.38 25.07
N PRO C 73 -2.87 -5.37 24.46
CA PRO C 73 -3.25 -6.81 24.47
C PRO C 73 -3.25 -7.45 25.87
N GLY C 74 -3.73 -8.70 25.94
CA GLY C 74 -3.90 -9.43 27.17
C GLY C 74 -2.58 -9.75 27.86
N PRO C 75 -2.62 -10.25 29.08
CA PRO C 75 -1.40 -10.42 29.89
C PRO C 75 -0.28 -11.24 29.24
N GLY C 76 0.90 -10.62 29.15
CA GLY C 76 2.11 -11.31 28.69
C GLY C 76 2.16 -11.46 27.18
N GLU C 77 1.18 -10.87 26.51
CA GLU C 77 1.10 -10.84 25.05
C GLU C 77 2.00 -9.79 24.51
N PRO C 78 2.67 -10.09 23.41
CA PRO C 78 3.49 -9.10 22.69
C PRO C 78 2.68 -7.85 22.48
N GLY C 79 3.27 -6.68 22.61
CA GLY C 79 2.52 -5.46 22.34
C GLY C 79 2.28 -5.24 20.87
N PHE C 80 1.33 -4.35 20.57
CA PHE C 80 1.04 -3.98 19.18
C PHE C 80 2.25 -3.24 18.62
N PHE C 81 2.66 -3.57 17.41
CA PHE C 81 3.72 -2.82 16.76
C PHE C 81 3.13 -1.65 15.97
N ARG C 82 3.64 -0.44 16.25
CA ARG C 82 3.46 0.82 15.47
C ARG C 82 4.83 1.48 15.46
N ASP C 83 5.40 2.26 14.58
CA ASP C 83 5.43 2.60 13.17
C ASP C 83 4.66 3.69 12.52
N GLN C 84 3.44 3.94 12.92
CA GLN C 84 2.87 5.28 12.68
C GLN C 84 1.81 5.58 13.73
N ASP C 85 1.41 6.84 13.85
CA ASP C 85 0.23 7.21 14.58
C ASP C 85 -0.86 6.29 13.97
N GLY C 86 -1.95 5.90 14.65
CA GLY C 86 -2.24 6.23 16.01
C GLY C 86 -3.59 5.93 16.59
N TRP C 87 -4.61 5.41 15.88
CA TRP C 87 -5.95 5.26 16.55
C TRP C 87 -6.49 3.84 16.78
N PHE C 88 -6.63 3.47 18.07
CA PHE C 88 -7.08 2.11 18.47
C PHE C 88 -8.37 2.07 19.33
N ASP C 89 -9.40 1.48 18.74
CA ASP C 89 -10.70 1.26 19.40
C ASP C 89 -11.12 -0.20 19.31
N GLY C 90 -10.17 -1.13 19.23
CA GLY C 90 -10.55 -2.52 19.02
C GLY C 90 -9.92 -2.97 17.74
N GLU C 91 -9.71 -2.03 16.82
CA GLU C 91 -8.89 -2.22 15.64
C GLU C 91 -8.08 -0.96 15.47
N TRP C 92 -7.05 -1.03 14.65
CA TRP C 92 -6.15 0.11 14.47
C TRP C 92 -6.57 0.96 13.26
N HIS C 93 -6.44 2.28 13.36
CA HIS C 93 -6.68 3.12 12.20
C HIS C 93 -5.69 4.27 12.14
N VAL C 94 -5.38 4.78 10.94
CA VAL C 94 -4.49 5.97 10.89
C VAL C 94 -5.18 7.23 11.33
N ASP C 95 -6.49 7.31 11.02
CA ASP C 95 -7.36 8.44 11.45
C ASP C 95 -8.51 7.97 12.32
N ARG C 96 -9.18 8.90 12.98
CA ARG C 96 -10.31 8.55 13.82
C ARG C 96 -11.47 7.89 13.00
N GLY D 6 4.93 -37.51 31.96
CA GLY D 6 4.47 -36.70 33.12
C GLY D 6 5.49 -35.66 33.59
N LEU D 7 5.00 -34.67 34.34
CA LEU D 7 5.85 -33.66 34.96
C LEU D 7 5.29 -33.32 36.36
N THR D 8 6.09 -33.56 37.40
CA THR D 8 5.68 -33.31 38.78
C THR D 8 6.31 -32.07 39.37
N ILE D 9 5.46 -31.18 39.88
CA ILE D 9 5.88 -29.95 40.52
C ILE D 9 5.49 -30.00 42.00
N TYR D 10 6.36 -29.47 42.85
CA TYR D 10 6.11 -29.38 44.27
C TYR D 10 6.24 -27.92 44.55
N PHE D 11 5.30 -27.37 45.32
CA PHE D 11 5.25 -25.94 45.60
C PHE D 11 4.98 -25.66 47.08
N LYS D 12 5.71 -24.69 47.61
CA LYS D 12 5.62 -24.37 49.00
C LYS D 12 4.77 -23.14 49.19
N LYS D 13 3.54 -23.35 49.66
CA LYS D 13 2.53 -22.33 49.85
C LYS D 13 2.93 -21.30 50.90
N PRO D 14 3.03 -20.03 50.54
CA PRO D 14 3.18 -18.97 51.55
C PRO D 14 1.99 -18.96 52.53
N ASP D 15 2.25 -18.60 53.80
CA ASP D 15 1.21 -18.64 54.84
C ASP D 15 -0.02 -17.88 54.37
N SER D 16 0.22 -16.69 53.81
CA SER D 16 -0.84 -15.78 53.35
C SER D 16 -1.74 -16.20 52.15
N TRP D 17 -1.47 -17.34 51.53
CA TRP D 17 -2.21 -17.82 50.33
C TRP D 17 -3.28 -18.88 50.68
N GLY D 18 -4.31 -19.02 49.84
CA GLY D 18 -5.20 -20.16 49.94
C GLY D 18 -4.54 -21.40 49.36
N THR D 19 -5.25 -22.53 49.32
CA THR D 19 -4.70 -23.74 48.71
C THR D 19 -4.14 -23.38 47.31
N PRO D 20 -2.91 -23.77 46.99
CA PRO D 20 -2.33 -23.45 45.69
C PRO D 20 -2.95 -24.20 44.53
N HIS D 21 -3.03 -23.49 43.41
CA HIS D 21 -3.42 -24.08 42.14
C HIS D 21 -2.30 -23.88 41.14
N LEU D 22 -2.16 -24.85 40.24
CA LEU D 22 -1.13 -24.83 39.23
C LEU D 22 -1.68 -24.54 37.83
N TYR D 23 -1.40 -23.34 37.35
CA TYR D 23 -1.82 -22.91 36.02
C TYR D 23 -0.69 -23.21 35.06
N TYR D 24 -1.03 -23.70 33.88
CA TYR D 24 0.03 -23.97 32.94
C TYR D 24 -0.39 -23.78 31.49
N TYR D 25 0.59 -23.51 30.64
CA TYR D 25 0.37 -23.20 29.24
C TYR D 25 1.65 -23.53 28.51
N ASP D 26 1.65 -23.42 27.17
CA ASP D 26 2.80 -23.87 26.37
C ASP D 26 3.16 -25.33 26.57
N THR D 27 2.18 -26.18 26.88
CA THR D 27 2.46 -27.60 26.98
C THR D 27 3.07 -28.17 25.68
N ASN D 28 3.96 -29.14 25.91
CA ASN D 28 4.68 -29.86 24.88
C ASN D 28 4.89 -31.27 25.39
N PRO D 29 4.23 -32.27 24.79
CA PRO D 29 3.33 -32.06 23.65
C PRO D 29 2.00 -31.37 24.03
N LYS D 30 1.33 -30.75 23.06
CA LYS D 30 0.04 -30.17 23.34
C LYS D 30 -0.90 -31.09 24.11
N VAL D 31 -1.56 -30.49 25.09
CA VAL D 31 -2.30 -31.22 26.09
C VAL D 31 -3.32 -30.19 26.55
N ASP D 32 -4.43 -30.64 27.13
CA ASP D 32 -5.45 -29.68 27.54
C ASP D 32 -4.85 -28.68 28.50
N GLU D 33 -5.21 -27.42 28.33
CA GLU D 33 -4.68 -26.35 29.15
C GLU D 33 -5.83 -25.57 29.78
N PRO D 34 -6.09 -25.85 31.05
CA PRO D 34 -7.06 -25.06 31.81
C PRO D 34 -6.86 -23.58 31.77
N THR D 35 -7.97 -22.92 31.58
CA THR D 35 -8.14 -21.52 31.88
C THR D 35 -7.49 -21.13 33.24
N TRP D 36 -7.15 -19.84 33.39
CA TRP D 36 -6.65 -19.31 34.65
C TRP D 36 -7.54 -19.68 35.80
N SER D 37 -8.82 -19.30 35.77
CA SER D 37 -9.67 -19.56 36.94
C SER D 37 -10.03 -21.05 37.08
N GLU D 38 -9.61 -21.86 36.13
CA GLU D 38 -9.98 -23.26 36.08
C GLU D 38 -8.78 -24.17 36.50
N ALA D 39 -7.61 -23.58 36.73
CA ALA D 39 -6.37 -24.28 37.11
C ALA D 39 -6.60 -25.34 38.19
N PRO D 40 -6.06 -26.54 37.96
CA PRO D 40 -6.29 -27.67 38.89
C PRO D 40 -5.66 -27.43 40.30
N GLU D 41 -6.47 -27.60 41.35
CA GLU D 41 -5.96 -27.56 42.73
C GLU D 41 -4.72 -28.45 42.93
N MET D 42 -3.75 -27.96 43.70
CA MET D 42 -2.63 -28.81 44.06
C MET D 42 -2.94 -29.73 45.29
N GLU D 43 -2.52 -30.99 45.21
CA GLU D 43 -2.64 -31.93 46.31
C GLU D 43 -1.66 -31.59 47.44
N HIS D 44 -2.16 -31.70 48.67
CA HIS D 44 -1.31 -31.53 49.82
C HIS D 44 -0.25 -32.60 49.77
N TYR D 45 1.00 -32.21 50.05
CA TYR D 45 2.10 -33.15 50.06
C TYR D 45 2.63 -33.43 51.48
N GLU D 46 3.12 -32.37 52.17
CA GLU D 46 3.33 -32.33 53.63
C GLU D 46 3.72 -30.95 54.09
N GLY D 47 3.24 -30.59 55.27
CA GLY D 47 3.55 -29.31 55.86
C GLY D 47 3.03 -28.28 54.87
N ASP D 48 3.88 -27.29 54.54
CA ASP D 48 3.51 -26.23 53.60
C ASP D 48 3.62 -26.61 52.09
N TRP D 49 3.93 -27.88 51.81
CA TRP D 49 4.22 -28.32 50.44
C TRP D 49 3.05 -29.02 49.79
N TYR D 50 2.83 -28.69 48.51
CA TYR D 50 1.80 -29.26 47.66
C TYR D 50 2.44 -29.70 46.36
N THR D 51 1.74 -30.54 45.61
CA THR D 51 2.26 -31.21 44.44
C THR D 51 1.14 -31.39 43.44
N HIS D 52 1.51 -31.47 42.16
CA HIS D 52 0.57 -31.77 41.09
C HIS D 52 1.41 -32.37 40.03
N THR D 53 0.83 -33.36 39.34
CA THR D 53 1.47 -33.94 38.21
C THR D 53 0.68 -33.57 36.96
N ILE D 54 1.37 -32.89 36.03
CA ILE D 54 0.80 -32.69 34.68
C ILE D 54 1.11 -33.95 33.85
N GLU D 55 0.07 -34.69 33.46
CA GLU D 55 0.28 -35.91 32.69
C GLU D 55 0.58 -35.56 31.24
N GLY D 56 1.41 -36.35 30.59
CA GLY D 56 1.49 -36.38 29.13
C GLY D 56 2.41 -35.37 28.51
N VAL D 57 3.29 -34.80 29.32
CA VAL D 57 3.98 -33.58 28.96
C VAL D 57 5.51 -33.70 29.20
N GLU D 58 6.33 -33.10 28.34
CA GLU D 58 7.77 -33.02 28.65
C GLU D 58 8.09 -31.68 29.29
N SER D 59 7.38 -30.63 28.86
CA SER D 59 7.66 -29.28 29.29
C SER D 59 6.41 -28.39 29.29
N VAL D 60 6.49 -27.24 29.96
CA VAL D 60 5.37 -26.43 30.33
C VAL D 60 5.93 -25.09 30.78
N ARG D 61 5.12 -24.04 30.69
CA ARG D 61 5.30 -22.80 31.43
C ARG D 61 4.19 -22.75 32.47
N LEU D 62 4.51 -22.34 33.69
CA LEU D 62 3.52 -22.47 34.77
C LEU D 62 3.55 -21.29 35.73
N LEU D 63 2.42 -21.08 36.39
CA LEU D 63 2.26 -20.09 37.43
C LEU D 63 1.57 -20.76 38.61
N PHE D 64 1.94 -20.35 39.80
CA PHE D 64 1.19 -20.70 41.01
C PHE D 64 0.19 -19.61 41.31
N LYS D 65 -0.96 -20.04 41.80
CA LYS D 65 -2.06 -19.15 42.18
C LYS D 65 -2.86 -19.77 43.33
N ASP D 66 -3.59 -18.92 44.04
CA ASP D 66 -4.71 -19.46 44.83
C ASP D 66 -5.99 -19.03 44.14
N ARG D 67 -7.15 -19.09 44.83
CA ARG D 67 -8.40 -18.75 44.15
C ARG D 67 -8.77 -17.33 44.35
N GLY D 68 -7.95 -16.64 45.13
CA GLY D 68 -8.02 -15.21 45.21
C GLY D 68 -7.18 -14.65 44.09
N THR D 69 -6.54 -13.54 44.40
CA THR D 69 -5.75 -12.80 43.44
C THR D 69 -4.26 -13.12 43.54
N ASN D 70 -3.91 -14.03 44.43
CA ASN D 70 -2.50 -14.40 44.62
C ASN D 70 -1.97 -15.24 43.48
N GLN D 71 -0.80 -14.84 43.00
CA GLN D 71 -0.06 -15.62 42.00
C GLN D 71 1.46 -15.45 42.08
N TRP D 72 2.15 -16.43 41.50
CA TRP D 72 3.61 -16.44 41.47
C TRP D 72 4.13 -17.13 40.18
N PRO D 73 4.74 -16.37 39.27
CA PRO D 73 5.02 -14.93 39.39
C PRO D 73 3.79 -14.03 39.27
N GLY D 74 4.06 -12.71 39.29
CA GLY D 74 3.02 -11.71 39.32
C GLY D 74 2.22 -11.57 38.04
N PRO D 75 1.15 -10.77 38.11
CA PRO D 75 0.15 -10.71 37.00
C PRO D 75 0.86 -10.44 35.66
N GLY D 76 0.65 -11.39 34.73
CA GLY D 76 1.07 -11.24 33.38
C GLY D 76 2.51 -11.66 33.20
N GLU D 77 3.26 -11.87 34.28
CA GLU D 77 4.67 -12.26 34.10
C GLU D 77 4.68 -13.66 33.48
N PRO D 78 5.62 -13.94 32.58
CA PRO D 78 5.62 -15.24 31.88
C PRO D 78 5.80 -16.30 32.90
N GLY D 79 5.25 -17.50 32.64
CA GLY D 79 5.42 -18.59 33.58
C GLY D 79 6.85 -19.07 33.72
N PHE D 80 7.13 -19.81 34.79
CA PHE D 80 8.37 -20.52 34.95
C PHE D 80 8.36 -21.72 33.95
N PHE D 81 9.44 -21.83 33.18
CA PHE D 81 9.63 -22.97 32.32
C PHE D 81 10.21 -24.17 33.07
N ARG D 82 9.64 -25.34 32.78
CA ARG D 82 10.04 -26.67 33.29
C ARG D 82 9.43 -27.62 32.28
N ASP D 83 9.90 -28.82 31.97
CA ASP D 83 11.22 -29.41 31.71
C ASP D 83 11.62 -30.64 32.50
N GLN D 84 11.60 -30.51 33.81
CA GLN D 84 11.80 -31.63 34.71
C GLN D 84 11.22 -31.24 36.04
N ASP D 85 10.85 -32.22 36.86
CA ASP D 85 10.44 -31.98 38.26
C ASP D 85 11.49 -31.01 38.92
N GLY D 86 11.18 -30.13 39.87
CA GLY D 86 10.05 -30.23 40.69
C GLY D 86 9.83 -29.20 41.77
N TRP D 87 10.81 -28.75 42.58
CA TRP D 87 10.45 -28.01 43.83
C TRP D 87 10.61 -26.48 43.96
N PHE D 88 9.53 -25.78 44.24
CA PHE D 88 9.58 -24.31 44.34
C PHE D 88 9.19 -23.75 45.72
N ASP D 89 10.14 -23.06 46.32
CA ASP D 89 9.91 -22.42 47.61
C ASP D 89 10.36 -20.94 47.61
N GLY D 90 10.37 -20.29 46.47
CA GLY D 90 11.10 -19.03 46.37
C GLY D 90 12.20 -19.18 45.33
N GLU D 91 12.75 -20.39 45.18
CA GLU D 91 13.75 -20.72 44.16
C GLU D 91 13.40 -22.09 43.61
N TRP D 92 13.96 -22.46 42.47
CA TRP D 92 13.74 -23.79 41.97
C TRP D 92 14.82 -24.77 42.48
N HIS D 93 14.42 -26.05 42.68
CA HIS D 93 15.29 -27.16 43.10
C HIS D 93 14.92 -28.60 42.53
N VAL D 94 15.91 -29.35 42.04
CA VAL D 94 15.63 -30.72 41.61
C VAL D 94 15.17 -31.60 42.77
N ASP D 95 15.78 -31.40 43.94
CA ASP D 95 15.45 -32.11 45.18
C ASP D 95 14.77 -31.16 46.17
N ARG D 96 13.89 -31.71 47.04
CA ARG D 96 13.31 -30.89 48.10
C ARG D 96 14.50 -30.37 48.95
N PRO D 97 14.54 -29.07 49.26
CA PRO D 97 15.57 -28.52 50.16
C PRO D 97 15.69 -29.21 51.54
N GLY E 6 25.40 -8.24 42.58
CA GLY E 6 25.55 -8.69 41.15
C GLY E 6 24.76 -9.96 40.76
N LEU E 7 24.75 -10.28 39.46
CA LEU E 7 24.25 -11.60 39.07
C LEU E 7 25.24 -12.26 38.15
N THR E 8 25.81 -13.35 38.61
CA THR E 8 26.79 -14.10 37.84
C THR E 8 26.16 -15.28 37.17
N ILE E 9 26.25 -15.30 35.85
CA ILE E 9 25.64 -16.36 35.07
C ILE E 9 26.75 -17.10 34.31
N TYR E 10 26.58 -18.42 34.27
CA TYR E 10 27.49 -19.32 33.59
C TYR E 10 26.64 -20.10 32.59
N PHE E 11 27.18 -20.25 31.37
CA PHE E 11 26.49 -20.91 30.29
C PHE E 11 27.38 -21.98 29.67
N LYS E 12 26.88 -23.20 29.59
CA LYS E 12 27.54 -24.25 28.83
C LYS E 12 27.15 -24.15 27.33
N LYS E 13 28.04 -23.58 26.54
CA LYS E 13 27.83 -23.35 25.10
C LYS E 13 27.69 -24.68 24.29
N PRO E 14 26.59 -24.90 23.56
CA PRO E 14 26.55 -26.02 22.60
C PRO E 14 27.67 -25.84 21.60
N ASP E 15 28.16 -26.95 21.06
CA ASP E 15 29.31 -26.93 20.20
C ASP E 15 29.03 -26.16 18.92
N SER E 16 27.78 -26.16 18.48
CA SER E 16 27.47 -25.57 17.19
C SER E 16 27.40 -24.06 17.25
N TRP E 17 27.36 -23.49 18.47
CA TRP E 17 27.18 -22.03 18.62
C TRP E 17 28.49 -21.31 18.51
N GLY E 18 28.40 -20.04 18.14
CA GLY E 18 29.52 -19.13 18.33
C GLY E 18 29.60 -18.66 19.78
N THR E 19 30.52 -17.75 20.08
CA THR E 19 30.61 -17.21 21.46
C THR E 19 29.23 -16.72 21.87
N PRO E 20 28.77 -17.16 23.03
CA PRO E 20 27.48 -16.71 23.55
C PRO E 20 27.52 -15.28 24.03
N HIS E 21 26.38 -14.59 23.83
CA HIS E 21 26.12 -13.32 24.46
C HIS E 21 24.97 -13.47 25.47
N LEU E 22 24.92 -12.56 26.43
CA LEU E 22 23.95 -12.65 27.50
C LEU E 22 22.99 -11.49 27.34
N TYR E 23 21.85 -11.78 26.73
CA TYR E 23 20.79 -10.79 26.57
C TYR E 23 19.92 -10.78 27.81
N TYR E 24 19.50 -9.60 28.24
CA TYR E 24 18.64 -9.54 29.43
C TYR E 24 17.79 -8.30 29.45
N TYR E 25 16.65 -8.44 30.09
CA TYR E 25 15.74 -7.32 30.27
C TYR E 25 14.98 -7.52 31.59
N ASP E 26 14.00 -6.64 31.84
CA ASP E 26 13.14 -6.76 32.98
C ASP E 26 14.02 -6.77 34.21
N THR E 27 15.02 -5.87 34.24
CA THR E 27 16.00 -5.84 35.30
C THR E 27 15.47 -5.15 36.56
N ASN E 28 15.80 -5.74 37.71
CA ASN E 28 15.38 -5.16 38.96
C ASN E 28 16.53 -5.18 40.01
N PRO E 29 16.94 -4.00 40.50
CA PRO E 29 16.52 -2.68 40.01
C PRO E 29 16.88 -2.30 38.56
N LYS E 30 16.23 -1.26 38.03
CA LYS E 30 16.41 -0.92 36.64
C LYS E 30 17.79 -0.38 36.36
N VAL E 31 18.35 -0.87 35.26
CA VAL E 31 19.76 -0.72 34.98
C VAL E 31 19.78 -0.69 33.46
N ASP E 32 20.87 -0.23 32.85
CA ASP E 32 21.00 -0.24 31.39
C ASP E 32 20.63 -1.63 30.78
N GLU E 33 19.81 -1.63 29.75
CA GLU E 33 19.42 -2.92 29.15
C GLU E 33 19.83 -3.00 27.69
N PRO E 34 20.94 -3.64 27.39
CA PRO E 34 21.38 -3.68 25.98
C PRO E 34 20.35 -4.29 25.06
N THR E 35 20.46 -3.93 23.82
CA THR E 35 19.55 -4.48 22.81
C THR E 35 20.01 -5.87 22.42
N TRP E 36 19.17 -6.57 21.65
CA TRP E 36 19.46 -7.92 21.18
C TRP E 36 20.83 -8.02 20.46
N SER E 37 21.15 -7.01 19.64
CA SER E 37 22.43 -6.95 18.92
C SER E 37 23.57 -6.55 19.85
N GLU E 38 23.30 -5.66 20.81
CA GLU E 38 24.34 -5.18 21.71
C GLU E 38 24.68 -6.18 22.83
N ALA E 39 23.88 -7.23 22.98
CA ALA E 39 23.96 -8.07 24.19
C ALA E 39 25.42 -8.49 24.45
N PRO E 40 25.89 -8.28 25.69
CA PRO E 40 27.33 -8.47 25.97
C PRO E 40 27.82 -9.91 25.67
N GLU E 41 28.96 -10.01 25.00
CA GLU E 41 29.69 -11.26 24.88
C GLU E 41 30.08 -11.81 26.26
N MET E 42 29.79 -13.09 26.46
CA MET E 42 30.10 -13.75 27.72
C MET E 42 31.59 -14.12 27.67
N GLU E 43 32.30 -13.97 28.79
CA GLU E 43 33.72 -14.35 28.85
C GLU E 43 33.85 -15.85 29.04
N HIS E 44 34.84 -16.44 28.36
CA HIS E 44 35.13 -17.87 28.43
C HIS E 44 35.63 -18.17 29.83
N TYR E 45 35.17 -19.28 30.41
CA TYR E 45 35.48 -19.59 31.79
C TYR E 45 36.27 -20.88 31.87
N GLU E 46 35.70 -21.97 31.36
CA GLU E 46 36.41 -23.22 31.31
C GLU E 46 35.69 -24.15 30.34
N GLY E 47 36.45 -24.81 29.48
CA GLY E 47 35.89 -25.77 28.57
C GLY E 47 34.80 -25.11 27.77
N ASP E 48 33.60 -25.67 27.82
CA ASP E 48 32.46 -25.06 27.14
C ASP E 48 31.67 -24.06 28.01
N TRP E 49 32.18 -23.76 29.21
CA TRP E 49 31.53 -22.80 30.12
C TRP E 49 31.93 -21.36 29.80
N TYR E 50 30.94 -20.50 29.62
CA TYR E 50 31.16 -19.05 29.50
C TYR E 50 30.40 -18.38 30.66
N THR E 51 30.76 -17.14 30.99
CA THR E 51 30.22 -16.47 32.16
C THR E 51 30.10 -14.91 31.95
N HIS E 52 29.19 -14.27 32.67
CA HIS E 52 29.04 -12.81 32.61
C HIS E 52 28.38 -12.38 33.88
N THR E 53 28.74 -11.22 34.39
CA THR E 53 28.14 -10.71 35.62
C THR E 53 27.36 -9.49 35.26
N ILE E 54 26.08 -9.45 35.65
CA ILE E 54 25.26 -8.25 35.45
C ILE E 54 25.34 -7.34 36.68
N GLU E 55 25.87 -6.13 36.47
CA GLU E 55 26.13 -5.23 37.61
C GLU E 55 24.81 -4.65 38.13
N GLY E 56 24.59 -4.72 39.46
CA GLY E 56 23.66 -3.83 40.16
C GLY E 56 22.19 -4.23 40.11
N VAL E 57 21.98 -5.55 40.10
CA VAL E 57 20.75 -6.16 39.70
C VAL E 57 20.55 -7.29 40.68
N GLU E 58 19.35 -7.42 41.20
CA GLU E 58 18.95 -8.60 41.98
C GLU E 58 18.24 -9.66 41.11
N SER E 59 17.44 -9.23 40.13
CA SER E 59 16.78 -10.18 39.25
C SER E 59 16.71 -9.65 37.81
N VAL E 60 16.42 -10.58 36.90
CA VAL E 60 16.53 -10.36 35.50
C VAL E 60 15.78 -11.44 34.76
N ARG E 61 15.34 -11.11 33.55
CA ARG E 61 15.03 -12.11 32.56
C ARG E 61 16.13 -12.11 31.48
N LEU E 62 16.60 -13.31 31.13
CA LEU E 62 17.76 -13.45 30.27
C LEU E 62 17.56 -14.51 29.15
N LEU E 63 18.25 -14.33 28.03
CA LEU E 63 18.37 -15.31 26.96
C LEU E 63 19.81 -15.38 26.52
N PHE E 64 20.21 -16.58 26.10
CA PHE E 64 21.50 -16.81 25.51
C PHE E 64 21.37 -16.72 23.99
N LYS E 65 22.36 -16.08 23.40
CA LYS E 65 22.42 -16.00 21.94
C LYS E 65 23.87 -16.14 21.48
N ASP E 66 24.05 -16.62 20.26
CA ASP E 66 25.30 -16.29 19.57
C ASP E 66 25.01 -15.14 18.57
N ARG E 67 26.01 -14.75 17.79
CA ARG E 67 25.82 -13.66 16.86
C ARG E 67 25.06 -14.05 15.60
N GLY E 68 24.77 -15.35 15.45
CA GLY E 68 23.94 -15.84 14.37
C GLY E 68 22.52 -16.17 14.79
N THR E 69 22.05 -17.36 14.44
CA THR E 69 20.61 -17.69 14.59
C THR E 69 20.37 -18.50 15.83
N ASN E 70 21.37 -18.68 16.66
CA ASN E 70 21.25 -19.58 17.80
C ASN E 70 20.81 -18.81 19.03
N GLN E 71 19.80 -19.33 19.72
CA GLN E 71 19.41 -18.72 20.97
C GLN E 71 18.71 -19.71 21.87
N TRP E 72 18.74 -19.42 23.16
CA TRP E 72 18.13 -20.29 24.14
C TRP E 72 17.65 -19.37 25.30
N PRO E 73 16.34 -19.35 25.60
CA PRO E 73 15.30 -20.10 24.87
C PRO E 73 15.07 -19.60 23.45
N GLY E 74 14.13 -20.27 22.79
CA GLY E 74 13.82 -20.09 21.37
C GLY E 74 13.35 -18.70 21.00
N PRO E 75 13.42 -18.38 19.68
CA PRO E 75 12.99 -17.08 19.15
C PRO E 75 11.67 -16.64 19.78
N GLY E 76 11.60 -15.41 20.27
CA GLY E 76 10.41 -14.86 20.87
C GLY E 76 9.98 -15.36 22.26
N GLU E 77 10.57 -16.47 22.71
CA GLU E 77 10.18 -17.06 23.96
C GLU E 77 10.68 -16.15 25.07
N PRO E 78 9.87 -15.94 26.10
CA PRO E 78 10.30 -15.11 27.25
C PRO E 78 11.60 -15.68 27.83
N GLY E 79 12.44 -14.82 28.39
CA GLY E 79 13.66 -15.30 29.00
C GLY E 79 13.45 -16.00 30.33
N PHE E 80 14.41 -16.86 30.66
CA PHE E 80 14.59 -17.40 31.99
C PHE E 80 14.62 -16.31 33.03
N PHE E 81 13.84 -16.49 34.07
CA PHE E 81 13.91 -15.64 35.25
C PHE E 81 15.02 -16.11 36.20
N ARG E 82 15.85 -15.15 36.62
CA ARG E 82 16.90 -15.29 37.63
C ARG E 82 17.06 -13.88 38.22
N ASP E 83 17.18 -13.54 39.48
CA ASP E 83 17.05 -14.18 40.76
C ASP E 83 18.33 -14.44 41.59
N GLN E 84 19.18 -15.37 41.13
CA GLN E 84 20.41 -15.84 41.79
C GLN E 84 21.49 -16.12 40.73
N ASP E 85 22.77 -16.17 41.11
CA ASP E 85 23.79 -16.87 40.29
C ASP E 85 23.22 -18.32 40.17
N GLY E 86 23.43 -19.13 39.14
CA GLY E 86 24.12 -18.86 37.93
C GLY E 86 24.38 -19.97 36.91
N TRP E 87 24.24 -21.30 37.13
CA TRP E 87 24.85 -22.23 36.08
C TRP E 87 23.88 -22.98 35.17
N PHE E 88 24.02 -22.81 33.84
CA PHE E 88 23.01 -23.38 32.92
C PHE E 88 23.54 -24.26 31.81
N ASP E 89 23.09 -25.51 31.78
CA ASP E 89 23.57 -26.50 30.81
C ASP E 89 22.43 -27.33 30.22
N GLY E 90 21.28 -26.71 30.01
CA GLY E 90 20.10 -27.47 29.64
C GLY E 90 19.22 -27.45 30.86
N GLU E 91 19.78 -27.37 32.06
CA GLU E 91 19.02 -27.11 33.28
C GLU E 91 19.75 -26.04 34.06
N TRP E 92 19.06 -25.44 35.02
CA TRP E 92 19.69 -24.46 35.91
C TRP E 92 20.20 -25.10 37.18
N HIS E 93 21.35 -24.61 37.66
CA HIS E 93 21.96 -25.11 38.90
C HIS E 93 22.58 -23.94 39.64
N VAL E 94 22.42 -23.87 40.94
CA VAL E 94 23.15 -22.84 41.71
C VAL E 94 24.65 -23.11 41.84
N ASP E 95 25.09 -24.36 41.89
CA ASP E 95 26.53 -24.58 41.83
C ASP E 95 26.98 -25.28 40.54
N ARG E 96 28.24 -25.10 40.16
CA ARG E 96 28.72 -25.81 38.99
C ARG E 96 28.31 -27.27 39.18
N PRO E 97 27.66 -27.85 38.16
CA PRO E 97 27.19 -29.24 38.21
C PRO E 97 28.32 -30.28 38.34
N GLY F 6 -10.48 -11.70 -32.58
CA GLY F 6 -10.15 -10.22 -32.50
C GLY F 6 -10.92 -9.31 -33.46
N LEU F 7 -10.28 -8.22 -33.89
CA LEU F 7 -11.01 -7.18 -34.58
C LEU F 7 -10.49 -6.94 -36.00
N THR F 8 -11.40 -6.88 -36.95
CA THR F 8 -11.04 -6.60 -38.33
C THR F 8 -11.59 -5.25 -38.75
N ILE F 9 -10.69 -4.36 -39.17
CA ILE F 9 -11.03 -2.97 -39.47
C ILE F 9 -10.67 -2.68 -40.93
N TYR F 10 -11.62 -2.04 -41.63
CA TYR F 10 -11.55 -1.67 -43.04
C TYR F 10 -11.61 -0.17 -43.17
N PHE F 11 -10.66 0.37 -43.93
CA PHE F 11 -10.58 1.83 -44.06
C PHE F 11 -10.57 2.18 -45.53
N LYS F 12 -11.40 3.14 -45.91
CA LYS F 12 -11.37 3.67 -47.26
C LYS F 12 -10.40 4.86 -47.42
N LYS F 13 -9.31 4.64 -48.16
CA LYS F 13 -8.25 5.66 -48.27
C LYS F 13 -8.66 6.82 -49.12
N PRO F 14 -8.72 8.03 -48.56
CA PRO F 14 -8.96 9.21 -49.40
C PRO F 14 -7.82 9.34 -50.42
N ASP F 15 -8.04 10.06 -51.51
CA ASP F 15 -7.03 10.22 -52.54
C ASP F 15 -5.87 11.01 -52.03
N SER F 16 -6.13 11.90 -51.06
CA SER F 16 -5.07 12.74 -50.52
C SER F 16 -4.10 12.02 -49.59
N TRP F 17 -4.36 10.76 -49.25
CA TRP F 17 -3.62 10.05 -48.22
C TRP F 17 -2.59 9.11 -48.84
N GLY F 18 -1.46 8.94 -48.17
CA GLY F 18 -0.64 7.78 -48.41
C GLY F 18 -1.31 6.52 -47.87
N THR F 19 -0.68 5.39 -48.14
CA THR F 19 -1.15 4.11 -47.66
C THR F 19 -1.44 4.23 -46.14
N PRO F 20 -2.64 3.86 -45.73
CA PRO F 20 -3.04 4.02 -44.34
C PRO F 20 -2.37 3.02 -43.41
N HIS F 21 -2.03 3.48 -42.21
CA HIS F 21 -1.59 2.54 -41.20
C HIS F 21 -2.63 2.57 -40.06
N LEU F 22 -2.85 1.46 -39.38
CA LEU F 22 -3.89 1.45 -38.34
C LEU F 22 -3.16 1.50 -37.01
N TYR F 23 -3.40 2.57 -36.27
CA TYR F 23 -2.81 2.74 -34.94
C TYR F 23 -3.90 2.43 -33.90
N TYR F 24 -3.53 1.73 -32.83
CA TYR F 24 -4.49 1.42 -31.78
C TYR F 24 -3.85 1.33 -30.40
N TYR F 25 -4.65 1.61 -29.38
CA TYR F 25 -4.22 1.48 -27.99
C TYR F 25 -5.49 1.18 -27.18
N ASP F 26 -5.34 1.16 -25.86
CA ASP F 26 -6.44 0.89 -24.95
C ASP F 26 -7.02 -0.45 -25.37
N THR F 27 -6.15 -1.41 -25.67
CA THR F 27 -6.61 -2.74 -26.06
C THR F 27 -7.18 -3.46 -24.83
N ASN F 28 -8.04 -4.43 -25.11
CA ASN F 28 -8.74 -5.15 -24.06
C ASN F 28 -9.34 -6.38 -24.75
N PRO F 29 -8.89 -7.59 -24.38
CA PRO F 29 -7.79 -7.77 -23.42
C PRO F 29 -6.47 -7.14 -23.89
N LYS F 30 -5.59 -6.83 -22.93
CA LYS F 30 -4.37 -6.13 -23.20
C LYS F 30 -3.47 -6.88 -24.16
N VAL F 31 -3.09 -6.20 -25.22
CA VAL F 31 -2.34 -6.83 -26.28
C VAL F 31 -1.18 -5.88 -26.60
N ASP F 32 -0.14 -6.36 -27.30
CA ASP F 32 1.00 -5.46 -27.58
C ASP F 32 0.51 -4.25 -28.38
N GLU F 33 0.92 -3.07 -27.96
CA GLU F 33 0.45 -1.84 -28.61
C GLU F 33 1.61 -1.10 -29.29
N PRO F 34 1.71 -1.23 -30.61
CA PRO F 34 2.72 -0.50 -31.41
C PRO F 34 2.58 0.99 -31.29
N THR F 35 3.71 1.69 -31.28
CA THR F 35 3.74 3.17 -31.21
C THR F 35 3.30 3.79 -32.54
N TRP F 36 2.99 5.09 -32.46
CA TRP F 36 2.46 5.84 -33.56
C TRP F 36 3.40 5.69 -34.76
N SER F 37 4.70 5.87 -34.57
CA SER F 37 5.60 5.73 -35.72
C SER F 37 5.76 4.27 -36.21
N GLU F 38 5.55 3.30 -35.35
CA GLU F 38 5.75 1.91 -35.81
C GLU F 38 4.46 1.19 -36.21
N ALA F 39 3.31 1.90 -36.21
CA ALA F 39 2.08 1.29 -36.70
C ALA F 39 2.29 0.84 -38.18
N PRO F 40 2.12 -0.44 -38.47
CA PRO F 40 2.34 -0.96 -39.86
C PRO F 40 1.24 -0.56 -40.85
N GLU F 41 1.55 -0.62 -42.15
CA GLU F 41 0.56 -0.35 -43.20
C GLU F 41 -0.57 -1.35 -43.11
N MET F 42 -1.79 -0.89 -43.38
CA MET F 42 -2.92 -1.80 -43.55
C MET F 42 -2.75 -2.53 -44.87
N GLU F 43 -3.25 -3.76 -44.94
CA GLU F 43 -3.17 -4.56 -46.16
C GLU F 43 -4.19 -3.97 -47.12
N HIS F 44 -3.79 -3.86 -48.38
CA HIS F 44 -4.70 -3.49 -49.44
C HIS F 44 -5.76 -4.59 -49.58
N TYR F 45 -7.03 -4.18 -49.70
CA TYR F 45 -8.13 -5.13 -49.80
C TYR F 45 -8.73 -5.05 -51.20
N GLU F 46 -9.27 -3.89 -51.59
CA GLU F 46 -9.74 -3.70 -52.97
C GLU F 46 -10.15 -2.26 -53.24
N GLY F 47 -9.71 -1.74 -54.39
CA GLY F 47 -9.88 -0.34 -54.73
C GLY F 47 -9.24 0.49 -53.65
N ASP F 48 -10.02 1.41 -53.11
CA ASP F 48 -9.61 2.28 -52.03
C ASP F 48 -9.58 1.59 -50.65
N TRP F 49 -10.21 0.42 -50.54
CA TRP F 49 -10.36 -0.25 -49.25
C TRP F 49 -9.12 -0.97 -48.78
N TYR F 50 -8.70 -0.64 -47.57
CA TYR F 50 -7.60 -1.34 -46.91
C TYR F 50 -8.11 -2.03 -45.67
N THR F 51 -7.33 -3.00 -45.17
CA THR F 51 -7.75 -3.83 -44.06
C THR F 51 -6.64 -4.17 -43.09
N HIS F 52 -7.03 -4.36 -41.81
CA HIS F 52 -6.10 -4.91 -40.83
C HIS F 52 -6.92 -5.55 -39.71
N THR F 53 -6.41 -6.68 -39.22
CA THR F 53 -6.99 -7.48 -38.15
C THR F 53 -6.13 -7.35 -36.88
N ILE F 54 -6.70 -6.85 -35.76
CA ILE F 54 -5.97 -6.89 -34.49
C ILE F 54 -6.33 -8.16 -33.74
N GLU F 55 -5.32 -8.99 -33.45
CA GLU F 55 -5.56 -10.29 -32.79
C GLU F 55 -5.79 -10.16 -31.29
N GLY F 56 -6.66 -11.05 -30.76
CA GLY F 56 -6.78 -11.29 -29.33
C GLY F 56 -7.32 -10.08 -28.60
N VAL F 57 -8.27 -9.42 -29.21
CA VAL F 57 -8.77 -8.17 -28.68
C VAL F 57 -10.28 -8.21 -28.83
N GLU F 58 -10.99 -7.71 -27.83
CA GLU F 58 -12.44 -7.56 -27.92
C GLU F 58 -12.70 -6.13 -28.37
N SER F 59 -11.83 -5.21 -27.94
CA SER F 59 -12.10 -3.80 -28.13
C SER F 59 -10.80 -2.97 -28.08
N VAL F 60 -10.84 -1.79 -28.69
CA VAL F 60 -9.66 -1.06 -29.03
C VAL F 60 -10.08 0.41 -29.16
N ARG F 61 -9.18 1.34 -28.87
CA ARG F 61 -9.31 2.65 -29.47
C ARG F 61 -8.34 2.75 -30.62
N LEU F 62 -8.73 3.48 -31.65
CA LEU F 62 -7.90 3.49 -32.83
C LEU F 62 -7.91 4.78 -33.64
N LEU F 63 -6.77 5.00 -34.28
CA LEU F 63 -6.60 6.06 -35.24
C LEU F 63 -6.09 5.50 -36.56
N PHE F 64 -6.61 6.06 -37.67
CA PHE F 64 -5.95 5.86 -38.98
C PHE F 64 -4.96 7.00 -39.29
N LYS F 65 -3.82 6.68 -39.90
CA LYS F 65 -2.83 7.68 -40.29
C LYS F 65 -2.08 7.33 -41.60
N ASP F 66 -1.60 8.35 -42.28
CA ASP F 66 -0.55 8.10 -43.29
C ASP F 66 0.91 8.42 -42.82
N ARG F 67 1.83 8.51 -43.79
CA ARG F 67 3.25 8.80 -43.59
C ARG F 67 3.44 10.30 -43.34
N GLY F 68 2.46 11.08 -43.79
CA GLY F 68 2.46 12.53 -43.66
C GLY F 68 1.69 13.07 -42.47
N THR F 69 0.88 14.11 -42.69
CA THR F 69 0.15 14.72 -41.58
C THR F 69 -1.23 14.18 -41.46
N ASN F 70 -1.66 13.24 -42.31
CA ASN F 70 -3.05 12.86 -42.28
C ASN F 70 -3.34 11.86 -41.20
N GLN F 71 -4.44 12.04 -40.54
CA GLN F 71 -4.83 11.09 -39.53
C GLN F 71 -6.27 11.36 -39.19
N TRP F 72 -6.94 10.31 -38.75
CA TRP F 72 -8.37 10.36 -38.49
C TRP F 72 -8.69 9.42 -37.31
N PRO F 73 -9.13 9.91 -36.17
CA PRO F 73 -9.35 11.33 -35.84
C PRO F 73 -8.13 12.20 -35.89
N GLY F 74 -8.34 13.49 -35.65
CA GLY F 74 -7.31 14.50 -35.81
C GLY F 74 -6.24 14.46 -34.74
N PRO F 75 -5.14 15.20 -34.95
CA PRO F 75 -4.01 15.22 -34.01
C PRO F 75 -4.49 15.42 -32.58
N GLY F 76 -4.12 14.45 -31.74
CA GLY F 76 -4.37 14.51 -30.31
C GLY F 76 -5.72 14.04 -29.84
N GLU F 77 -6.66 13.90 -30.78
CA GLU F 77 -8.01 13.42 -30.55
C GLU F 77 -7.94 11.92 -30.21
N PRO F 78 -8.64 11.50 -29.17
CA PRO F 78 -8.72 10.11 -28.78
C PRO F 78 -9.24 9.20 -29.88
N GLY F 79 -8.69 7.99 -29.93
CA GLY F 79 -9.13 6.98 -30.88
C GLY F 79 -10.65 6.76 -31.00
N PHE F 80 -11.07 6.38 -32.21
CA PHE F 80 -12.35 5.70 -32.38
C PHE F 80 -12.39 4.46 -31.48
N PHE F 81 -13.52 4.28 -30.78
CA PHE F 81 -13.74 3.05 -30.01
C PHE F 81 -14.45 1.99 -30.88
N ARG F 82 -13.93 0.75 -30.85
CA ARG F 82 -14.46 -0.44 -31.54
C ARG F 82 -13.87 -1.60 -30.69
N ASP F 83 -14.43 -2.79 -30.40
CA ASP F 83 -15.78 -3.28 -30.21
C ASP F 83 -16.27 -4.34 -31.20
N GLN F 84 -16.32 -4.01 -32.48
CA GLN F 84 -16.61 -5.03 -33.50
C GLN F 84 -16.04 -4.64 -34.87
N ASP F 85 -15.90 -5.60 -35.80
CA ASP F 85 -15.55 -5.23 -37.18
C ASP F 85 -16.58 -4.16 -37.64
N GLY F 86 -16.30 -3.17 -38.48
CA GLY F 86 -15.03 -2.82 -39.03
C GLY F 86 -14.92 -1.88 -40.24
N TRP F 87 -15.97 -1.27 -40.82
CA TRP F 87 -15.76 -0.46 -42.08
C TRP F 87 -15.85 1.05 -41.93
N PHE F 88 -14.76 1.78 -42.16
CA PHE F 88 -14.76 3.23 -42.01
C PHE F 88 -14.44 3.98 -43.31
N ASP F 89 -15.38 4.81 -43.73
CA ASP F 89 -15.24 5.54 -44.98
C ASP F 89 -15.61 7.01 -44.76
N GLY F 90 -15.32 7.50 -43.55
CA GLY F 90 -15.88 8.75 -43.11
C GLY F 90 -16.98 8.59 -42.07
N GLU F 91 -17.60 7.41 -42.03
CA GLU F 91 -18.50 6.96 -40.94
C GLU F 91 -18.22 5.48 -40.76
N TRP F 92 -18.63 4.90 -39.62
CA TRP F 92 -18.40 3.50 -39.30
C TRP F 92 -19.55 2.69 -39.84
N HIS F 93 -19.28 1.47 -40.31
CA HIS F 93 -20.30 0.57 -40.82
C HIS F 93 -20.01 -0.86 -40.37
N VAL F 94 -21.05 -1.61 -40.02
CA VAL F 94 -20.89 -3.05 -39.71
C VAL F 94 -20.40 -3.89 -40.91
N ASP F 95 -21.08 -3.79 -42.05
CA ASP F 95 -20.65 -4.46 -43.30
C ASP F 95 -20.29 -3.44 -44.38
N ARG F 96 -19.80 -3.95 -45.49
CA ARG F 96 -19.16 -3.10 -46.51
C ARG F 96 -20.13 -2.28 -47.40
N GLY G 6 -3.27 36.25 -15.46
CA GLY G 6 -2.33 36.29 -16.64
C GLY G 6 -1.26 35.23 -16.57
N LEU G 7 -0.76 34.83 -17.73
CA LEU G 7 0.28 33.82 -17.78
C LEU G 7 1.39 34.27 -18.69
N THR G 8 2.57 34.45 -18.09
CA THR G 8 3.71 34.93 -18.85
C THR G 8 4.62 33.78 -19.06
N ILE G 9 4.96 33.57 -20.32
CA ILE G 9 5.75 32.45 -20.75
C ILE G 9 6.91 32.95 -21.58
N TYR G 10 8.06 32.35 -21.28
CA TYR G 10 9.35 32.62 -21.88
C TYR G 10 9.77 31.30 -22.49
N PHE G 11 10.27 31.39 -23.72
CA PHE G 11 10.74 30.21 -24.43
C PHE G 11 12.07 30.50 -25.08
N LYS G 12 13.00 29.60 -24.90
CA LYS G 12 14.28 29.67 -25.57
C LYS G 12 14.18 29.02 -26.95
N LYS G 13 14.19 29.84 -28.00
CA LYS G 13 14.16 29.36 -29.38
C LYS G 13 15.34 28.45 -29.75
N PRO G 14 15.09 27.26 -30.26
CA PRO G 14 16.18 26.47 -30.88
C PRO G 14 16.70 27.13 -32.15
N ASP G 15 17.98 26.90 -32.44
CA ASP G 15 18.70 27.69 -33.47
C ASP G 15 18.01 27.66 -34.82
N SER G 16 17.51 26.47 -35.19
CA SER G 16 16.92 26.22 -36.52
C SER G 16 15.54 26.87 -36.73
N TRP G 17 14.83 27.18 -35.65
CA TRP G 17 13.48 27.70 -35.78
C TRP G 17 13.46 29.14 -36.19
N GLY G 18 12.37 29.52 -36.87
CA GLY G 18 11.92 30.88 -37.02
C GLY G 18 11.41 31.50 -35.72
N THR G 19 10.99 32.76 -35.76
CA THR G 19 10.45 33.40 -34.57
C THR G 19 9.33 32.53 -33.95
N PRO G 20 9.39 32.26 -32.65
CA PRO G 20 8.39 31.38 -32.05
C PRO G 20 6.97 31.99 -31.96
N HIS G 21 5.97 31.12 -32.09
CA HIS G 21 4.62 31.48 -31.82
C HIS G 21 4.18 30.57 -30.72
N LEU G 22 3.19 31.03 -29.98
CA LEU G 22 2.72 30.31 -28.81
C LEU G 22 1.25 30.00 -29.02
N TYR G 23 0.97 28.71 -29.27
CA TYR G 23 -0.37 28.17 -29.40
C TYR G 23 -0.82 27.70 -28.04
N TYR G 24 -2.11 27.91 -27.77
CA TYR G 24 -2.67 27.53 -26.49
C TYR G 24 -4.14 27.20 -26.61
N TYR G 25 -4.57 26.22 -25.81
CA TYR G 25 -5.98 25.79 -25.77
C TYR G 25 -6.26 25.40 -24.34
N ASP G 26 -7.45 24.85 -24.09
CA ASP G 26 -7.93 24.60 -22.73
C ASP G 26 -7.68 25.77 -21.76
N THR G 27 -7.97 26.99 -22.20
CA THR G 27 -7.73 28.12 -21.33
C THR G 27 -8.71 28.04 -20.16
N ASN G 28 -8.30 28.62 -19.04
CA ASN G 28 -9.12 28.65 -17.84
C ASN G 28 -8.77 29.88 -17.03
N PRO G 29 -9.74 30.76 -16.82
CA PRO G 29 -11.05 30.73 -17.54
C PRO G 29 -10.93 30.76 -19.07
N LYS G 30 -11.99 30.33 -19.74
CA LYS G 30 -12.11 30.44 -21.17
C LYS G 30 -11.92 31.89 -21.64
N VAL G 31 -11.07 32.01 -22.65
CA VAL G 31 -10.61 33.27 -23.19
C VAL G 31 -10.61 32.94 -24.68
N ASP G 32 -10.41 33.90 -25.57
CA ASP G 32 -10.35 33.52 -26.98
C ASP G 32 -9.09 32.67 -27.20
N GLU G 33 -9.23 31.71 -28.10
CA GLU G 33 -8.18 30.76 -28.39
C GLU G 33 -7.90 30.70 -29.90
N PRO G 34 -6.77 31.27 -30.32
CA PRO G 34 -6.41 31.27 -31.73
C PRO G 34 -6.16 29.89 -32.32
N THR G 35 -6.44 29.84 -33.61
CA THR G 35 -6.22 28.69 -34.47
C THR G 35 -4.70 28.42 -34.57
N TRP G 36 -4.32 27.20 -34.94
CA TRP G 36 -2.92 26.83 -35.05
C TRP G 36 -2.10 27.86 -35.84
N SER G 37 -2.59 28.28 -36.99
CA SER G 37 -1.83 29.23 -37.79
C SER G 37 -1.89 30.65 -37.27
N GLU G 38 -2.88 30.98 -36.44
CA GLU G 38 -3.05 32.34 -35.93
C GLU G 38 -2.45 32.55 -34.54
N ALA G 39 -1.75 31.54 -34.02
CA ALA G 39 -1.04 31.66 -32.74
C ALA G 39 -0.16 32.90 -32.73
N PRO G 40 -0.24 33.68 -31.66
CA PRO G 40 0.48 34.95 -31.60
C PRO G 40 2.00 34.77 -31.61
N GLU G 41 2.67 35.71 -32.28
CA GLU G 41 4.12 35.82 -32.26
C GLU G 41 4.59 36.23 -30.89
N MET G 42 5.65 35.55 -30.44
CA MET G 42 6.27 35.82 -29.16
C MET G 42 7.29 36.98 -29.26
N GLU G 43 7.18 37.98 -28.38
CA GLU G 43 8.09 39.13 -28.40
C GLU G 43 9.49 38.66 -28.13
N HIS G 44 10.46 39.18 -28.90
CA HIS G 44 11.85 38.97 -28.55
C HIS G 44 12.10 39.58 -27.16
N TYR G 45 12.75 38.80 -26.30
CA TYR G 45 13.04 39.24 -24.94
C TYR G 45 14.53 39.52 -24.76
N GLU G 46 15.37 38.49 -24.93
CA GLU G 46 16.82 38.68 -24.87
C GLU G 46 17.53 37.40 -25.27
N GLY G 47 18.50 37.52 -26.19
CA GLY G 47 19.26 36.37 -26.67
C GLY G 47 18.30 35.50 -27.44
N ASP G 48 18.29 34.22 -27.12
CA ASP G 48 17.35 33.29 -27.75
C ASP G 48 15.96 33.29 -27.09
N TRP G 49 15.76 34.10 -26.03
CA TRP G 49 14.52 34.06 -25.20
C TRP G 49 13.49 34.99 -25.78
N TYR G 50 12.28 34.47 -25.88
CA TYR G 50 11.12 35.21 -26.37
C TYR G 50 10.06 35.10 -25.30
N THR G 51 9.04 35.95 -25.38
CA THR G 51 8.07 36.01 -24.31
C THR G 51 6.67 36.31 -24.81
N HIS G 52 5.67 35.84 -24.10
CA HIS G 52 4.31 36.26 -24.36
C HIS G 52 3.43 36.07 -23.14
N THR G 53 2.45 36.95 -23.02
CA THR G 53 1.52 36.91 -21.91
C THR G 53 0.12 36.57 -22.43
N ILE G 54 -0.42 35.47 -21.96
CA ILE G 54 -1.82 35.13 -22.25
C ILE G 54 -2.61 35.89 -21.20
N GLU G 55 -3.48 36.79 -21.65
CA GLU G 55 -4.23 37.65 -20.73
C GLU G 55 -5.43 36.91 -20.22
N GLY G 56 -5.77 37.08 -18.94
CA GLY G 56 -7.06 36.67 -18.41
C GLY G 56 -7.22 35.21 -18.02
N VAL G 57 -6.10 34.54 -17.80
CA VAL G 57 -6.08 33.10 -17.78
C VAL G 57 -5.29 32.61 -16.56
N GLU G 58 -5.80 31.63 -15.84
CA GLU G 58 -5.06 31.00 -14.75
C GLU G 58 -4.19 29.85 -15.27
N SER G 59 -4.77 29.08 -16.18
CA SER G 59 -4.05 27.94 -16.74
C SER G 59 -4.32 27.75 -18.23
N VAL G 60 -3.40 27.11 -18.89
CA VAL G 60 -3.46 26.85 -20.28
C VAL G 60 -2.72 25.54 -20.59
N ARG G 61 -3.12 24.88 -21.68
CA ARG G 61 -2.22 23.94 -22.38
C ARG G 61 -1.61 24.70 -23.56
N LEU G 62 -0.32 24.51 -23.75
CA LEU G 62 0.39 25.30 -24.75
C LEU G 62 1.38 24.45 -25.51
N LEU G 63 1.60 24.86 -26.75
CA LEU G 63 2.69 24.39 -27.59
C LEU G 63 3.43 25.56 -28.16
N PHE G 64 4.71 25.35 -28.42
CA PHE G 64 5.50 26.29 -29.18
C PHE G 64 5.54 25.84 -30.65
N LYS G 65 5.56 26.80 -31.57
CA LYS G 65 5.77 26.52 -33.00
C LYS G 65 6.48 27.69 -33.68
N ASP G 66 6.92 27.51 -34.93
CA ASP G 66 7.23 28.68 -35.77
C ASP G 66 6.26 28.75 -36.92
N ARG G 67 6.54 29.62 -37.90
CA ARG G 67 5.73 29.81 -39.09
C ARG G 67 5.95 28.66 -40.09
N GLY G 68 7.01 27.88 -39.89
CA GLY G 68 7.27 26.69 -40.68
C GLY G 68 6.42 25.55 -40.16
N THR G 69 7.01 24.37 -40.00
CA THR G 69 6.27 23.29 -39.37
C THR G 69 6.89 22.77 -38.11
N ASN G 70 7.87 23.48 -37.57
CA ASN G 70 8.44 23.09 -36.27
C ASN G 70 7.45 23.41 -35.15
N GLN G 71 7.48 22.55 -34.13
CA GLN G 71 6.65 22.68 -32.94
C GLN G 71 7.24 21.78 -31.86
N TRP G 72 7.01 22.18 -30.61
CA TRP G 72 7.50 21.55 -29.40
C TRP G 72 6.38 21.80 -28.35
N PRO G 73 5.69 20.76 -27.88
CA PRO G 73 5.84 19.36 -28.27
C PRO G 73 5.49 18.97 -29.73
N GLY G 74 5.78 17.71 -30.11
CA GLY G 74 5.62 17.29 -31.49
C GLY G 74 4.17 17.23 -32.00
N PRO G 75 4.00 17.00 -33.29
CA PRO G 75 2.67 16.94 -33.92
C PRO G 75 1.65 16.04 -33.18
N GLY G 76 0.52 16.65 -32.80
CA GLY G 76 -0.55 15.96 -32.08
C GLY G 76 -0.34 15.63 -30.59
N GLU G 77 0.89 15.82 -30.07
CA GLU G 77 1.25 15.59 -28.64
C GLU G 77 0.62 16.68 -27.84
N PRO G 78 0.07 16.38 -26.68
CA PRO G 78 -0.66 17.39 -25.91
C PRO G 78 0.27 18.52 -25.48
N GLY G 79 -0.31 19.71 -25.35
CA GLY G 79 0.44 20.88 -24.97
C GLY G 79 0.92 20.73 -23.54
N PHE G 80 2.04 21.38 -23.23
CA PHE G 80 2.51 21.48 -21.86
C PHE G 80 1.44 22.22 -21.04
N PHE G 81 1.12 21.71 -19.86
CA PHE G 81 0.23 22.38 -18.93
C PHE G 81 0.90 23.38 -17.97
N ARG G 82 0.35 24.58 -17.91
CA ARG G 82 0.78 25.68 -17.02
C ARG G 82 -0.44 26.63 -16.82
N ASP G 83 -0.65 27.47 -15.80
CA ASP G 83 -0.73 27.27 -14.38
C ASP G 83 0.10 28.31 -13.59
N GLN G 84 1.37 28.49 -13.95
CA GLN G 84 2.23 29.58 -13.42
C GLN G 84 3.16 30.01 -14.53
N ASP G 85 3.73 31.22 -14.42
CA ASP G 85 4.91 31.57 -15.23
C ASP G 85 6.01 30.55 -14.85
N GLY G 86 6.91 30.07 -15.72
CA GLY G 86 6.95 30.37 -17.13
C GLY G 86 8.24 30.35 -17.95
N TRP G 87 9.32 29.64 -17.62
CA TRP G 87 10.51 29.68 -18.54
C TRP G 87 10.89 28.32 -19.10
N PHE G 88 10.75 28.13 -20.43
CA PHE G 88 11.07 26.85 -21.03
C PHE G 88 12.34 26.79 -21.91
N ASP G 89 13.35 26.04 -21.48
CA ASP G 89 14.54 25.82 -22.34
C ASP G 89 14.83 24.34 -22.62
N GLY G 90 13.79 23.50 -22.66
CA GLY G 90 14.01 22.08 -22.67
C GLY G 90 13.45 21.53 -21.38
N GLU G 91 13.44 22.34 -20.32
CA GLU G 91 12.66 22.05 -19.13
C GLU G 91 11.99 23.29 -18.64
N TRP G 92 11.02 23.13 -17.76
CA TRP G 92 10.32 24.29 -17.26
C TRP G 92 11.03 24.76 -16.00
N HIS G 93 11.10 26.06 -15.83
CA HIS G 93 11.65 26.64 -14.61
C HIS G 93 10.78 27.82 -14.20
N VAL G 94 10.57 28.01 -12.89
CA VAL G 94 9.90 29.26 -12.44
C VAL G 94 10.76 30.51 -12.69
N ASP G 95 12.10 30.44 -12.62
CA ASP G 95 12.94 31.59 -13.03
C ASP G 95 13.91 31.27 -14.19
N ARG G 96 14.30 32.30 -14.95
CA ARG G 96 15.41 32.17 -15.93
C ARG G 96 16.65 31.55 -15.28
N PRO G 97 17.08 30.39 -15.78
CA PRO G 97 18.27 29.66 -15.29
C PRO G 97 19.61 30.43 -15.30
N GLY H 6 -28.52 20.56 -36.38
CA GLY H 6 -27.95 20.12 -35.05
C GLY H 6 -27.60 18.64 -35.06
N LEU H 7 -27.83 17.95 -33.93
CA LEU H 7 -27.54 16.51 -33.79
C LEU H 7 -28.48 15.82 -32.83
N THR H 8 -29.22 14.83 -33.31
CA THR H 8 -30.18 14.13 -32.45
C THR H 8 -29.65 12.75 -32.06
N ILE H 9 -29.69 12.48 -30.75
CA ILE H 9 -29.12 11.26 -30.24
C ILE H 9 -30.19 10.44 -29.52
N TYR H 10 -30.21 9.13 -29.75
CA TYR H 10 -31.11 8.24 -29.08
C TYR H 10 -30.28 7.29 -28.29
N PHE H 11 -30.70 7.05 -27.05
CA PHE H 11 -29.96 6.16 -26.15
C PHE H 11 -30.96 5.20 -25.52
N LYS H 12 -30.66 3.91 -25.58
CA LYS H 12 -31.53 2.94 -24.98
C LYS H 12 -31.07 2.68 -23.53
N LYS H 13 -31.87 3.10 -22.57
CA LYS H 13 -31.50 3.01 -21.17
C LYS H 13 -31.43 1.56 -20.74
N PRO H 14 -30.29 1.13 -20.19
CA PRO H 14 -30.23 -0.14 -19.42
C PRO H 14 -31.21 -0.13 -18.22
N ASP H 15 -31.67 -1.30 -17.75
CA ASP H 15 -32.63 -1.29 -16.62
C ASP H 15 -32.00 -0.75 -15.34
N SER H 16 -30.75 -1.12 -15.04
CA SER H 16 -30.13 -0.74 -13.78
C SER H 16 -29.92 0.78 -13.67
N TRP H 17 -30.02 1.49 -14.80
CA TRP H 17 -29.78 2.94 -14.85
C TRP H 17 -30.99 3.68 -14.39
N GLY H 18 -30.80 4.87 -13.83
CA GLY H 18 -31.83 5.90 -13.74
C GLY H 18 -32.00 6.56 -15.11
N THR H 19 -32.81 7.60 -15.18
CA THR H 19 -33.14 8.26 -16.45
C THR H 19 -31.89 8.91 -17.06
N PRO H 20 -31.63 8.63 -18.35
CA PRO H 20 -30.37 9.06 -18.98
C PRO H 20 -30.25 10.57 -19.04
N HIS H 21 -29.02 11.05 -18.82
CA HIS H 21 -28.56 12.38 -19.18
C HIS H 21 -27.51 12.26 -20.26
N LEU H 22 -27.51 13.21 -21.21
CA LEU H 22 -26.54 13.27 -22.29
C LEU H 22 -25.48 14.33 -22.00
N TYR H 23 -24.29 13.90 -21.59
CA TYR H 23 -23.19 14.86 -21.42
C TYR H 23 -22.45 15.00 -22.75
N TYR H 24 -22.11 16.22 -23.10
CA TYR H 24 -21.28 16.42 -24.29
C TYR H 24 -20.24 17.53 -24.14
N TYR H 25 -19.17 17.40 -24.92
CA TYR H 25 -18.09 18.37 -24.96
C TYR H 25 -17.49 18.35 -26.35
N ASP H 26 -16.41 19.10 -26.54
CA ASP H 26 -15.71 19.12 -27.83
C ASP H 26 -16.66 19.50 -28.96
N THR H 27 -17.62 20.39 -28.68
CA THR H 27 -18.56 20.79 -29.74
C THR H 27 -17.83 21.58 -30.86
N ASN H 28 -18.28 21.34 -32.08
CA ASN H 28 -17.83 22.05 -33.24
C ASN H 28 -19.00 22.17 -34.19
N PRO H 29 -19.43 23.40 -34.50
CA PRO H 29 -18.84 24.61 -33.92
C PRO H 29 -19.10 24.75 -32.42
N LYS H 30 -18.26 25.57 -31.77
CA LYS H 30 -18.23 25.72 -30.31
C LYS H 30 -19.55 26.22 -29.80
N VAL H 31 -20.16 25.46 -28.91
CA VAL H 31 -21.44 25.81 -28.32
C VAL H 31 -21.32 25.75 -26.76
N ASP H 32 -22.39 26.06 -26.03
CA ASP H 32 -22.37 25.86 -24.57
C ASP H 32 -22.17 24.38 -24.20
N GLU H 33 -21.37 24.12 -23.18
CA GLU H 33 -21.16 22.75 -22.75
C GLU H 33 -21.37 22.58 -21.25
N PRO H 34 -22.54 22.09 -20.86
CA PRO H 34 -22.83 21.78 -19.44
C PRO H 34 -21.77 20.91 -18.75
N THR H 35 -21.74 21.04 -17.43
CA THR H 35 -20.89 20.27 -16.55
C THR H 35 -21.39 18.82 -16.44
N TRP H 36 -20.53 17.91 -15.96
CA TRP H 36 -20.95 16.54 -15.68
C TRP H 36 -22.27 16.50 -14.90
N SER H 37 -22.35 17.23 -13.79
CA SER H 37 -23.55 17.18 -12.96
C SER H 37 -24.72 17.97 -13.53
N GLU H 38 -24.41 18.95 -14.38
CA GLU H 38 -25.37 19.92 -14.92
C GLU H 38 -26.08 19.40 -16.20
N ALA H 39 -25.50 18.35 -16.79
CA ALA H 39 -25.99 17.70 -18.03
C ALA H 39 -27.47 17.34 -17.97
N PRO H 40 -28.18 17.74 -19.04
CA PRO H 40 -29.64 17.64 -19.12
C PRO H 40 -30.14 16.20 -19.32
N GLU H 41 -31.29 15.98 -18.69
CA GLU H 41 -32.10 14.80 -18.91
C GLU H 41 -32.45 14.61 -20.39
N MET H 42 -32.28 13.39 -20.87
CA MET H 42 -32.75 13.05 -22.20
C MET H 42 -34.29 12.90 -22.11
N GLU H 43 -35.05 13.36 -23.12
CA GLU H 43 -36.50 13.12 -23.06
C GLU H 43 -36.83 11.68 -23.40
N HIS H 44 -37.89 11.16 -22.80
CA HIS H 44 -38.41 9.85 -23.14
C HIS H 44 -38.90 9.77 -24.61
N TYR H 45 -38.44 8.75 -25.33
CA TYR H 45 -38.92 8.48 -26.67
C TYR H 45 -39.32 7.04 -26.61
N GLU H 46 -40.57 6.68 -26.79
CA GLU H 46 -40.84 5.23 -26.88
C GLU H 46 -39.99 4.21 -26.03
N GLY H 47 -40.66 3.45 -25.13
CA GLY H 47 -40.03 2.28 -24.53
C GLY H 47 -38.81 2.62 -23.72
N ASP H 48 -37.72 1.87 -23.89
CA ASP H 48 -36.44 2.18 -23.23
C ASP H 48 -35.58 3.26 -23.92
N TRP H 49 -36.08 3.88 -24.98
CA TRP H 49 -35.28 4.78 -25.78
C TRP H 49 -35.49 6.18 -25.28
N TYR H 50 -34.42 6.95 -25.20
CA TYR H 50 -34.52 8.36 -24.89
C TYR H 50 -33.82 9.17 -25.98
N THR H 51 -34.08 10.46 -26.03
CA THR H 51 -33.48 11.28 -27.09
C THR H 51 -33.12 12.65 -26.59
N HIS H 52 -32.18 13.28 -27.29
CA HIS H 52 -31.85 14.67 -27.04
C HIS H 52 -31.21 15.22 -28.28
N THR H 53 -31.61 16.42 -28.64
CA THR H 53 -31.01 17.13 -29.73
C THR H 53 -30.09 18.23 -29.19
N ILE H 54 -28.81 18.18 -29.58
CA ILE H 54 -27.89 19.28 -29.36
C ILE H 54 -28.00 20.22 -30.59
N GLU H 55 -28.23 21.51 -30.35
CA GLU H 55 -28.42 22.49 -31.43
C GLU H 55 -27.13 23.18 -31.84
N GLY H 56 -27.05 23.50 -33.13
CA GLY H 56 -26.00 24.34 -33.70
C GLY H 56 -24.63 23.71 -33.76
N VAL H 57 -24.66 22.40 -33.89
CA VAL H 57 -23.50 21.57 -33.65
C VAL H 57 -23.44 20.64 -34.86
N GLU H 58 -22.23 20.40 -35.37
CA GLU H 58 -22.05 19.40 -36.44
C GLU H 58 -21.40 18.11 -35.93
N SER H 59 -20.56 18.25 -34.91
CA SER H 59 -19.93 17.11 -34.27
C SER H 59 -19.79 17.38 -32.79
N VAL H 60 -19.70 16.31 -32.02
CA VAL H 60 -19.65 16.38 -30.58
C VAL H 60 -18.92 15.15 -30.06
N ARG H 61 -18.40 15.23 -28.83
CA ARG H 61 -18.05 14.02 -28.08
C ARG H 61 -19.07 13.92 -26.96
N LEU H 62 -19.51 12.71 -26.65
CA LEU H 62 -20.63 12.55 -25.71
C LEU H 62 -20.51 11.32 -24.86
N LEU H 63 -21.10 11.42 -23.69
CA LEU H 63 -21.23 10.30 -22.78
C LEU H 63 -22.65 10.26 -22.30
N PHE H 64 -23.15 9.04 -22.12
CA PHE H 64 -24.42 8.86 -21.42
C PHE H 64 -24.17 8.67 -19.94
N LYS H 65 -25.09 9.23 -19.12
CA LYS H 65 -25.01 9.00 -17.70
C LYS H 65 -26.40 9.03 -17.05
N ASP H 66 -26.54 8.46 -15.86
CA ASP H 66 -27.69 8.80 -15.03
C ASP H 66 -27.25 9.80 -13.92
N ARG H 67 -28.11 10.06 -12.93
CA ARG H 67 -27.76 11.03 -11.88
C ARG H 67 -26.85 10.40 -10.80
N GLY H 68 -26.80 9.08 -10.73
CA GLY H 68 -25.83 8.35 -9.92
C GLY H 68 -24.45 8.28 -10.55
N THR H 69 -23.84 7.10 -10.58
CA THR H 69 -22.45 7.00 -11.00
C THR H 69 -22.34 6.19 -12.29
N ASN H 70 -23.50 5.76 -12.79
CA ASN H 70 -23.60 5.07 -14.07
C ASN H 70 -23.16 5.98 -15.22
N GLN H 71 -22.33 5.45 -16.09
CA GLN H 71 -22.02 6.17 -17.29
C GLN H 71 -21.53 5.21 -18.37
N TRP H 72 -21.57 5.69 -19.60
CA TRP H 72 -21.19 4.96 -20.77
C TRP H 72 -20.63 5.93 -21.82
N PRO H 73 -19.35 5.83 -22.17
CA PRO H 73 -18.44 4.81 -21.64
C PRO H 73 -17.97 5.10 -20.19
N GLY H 74 -17.00 4.33 -19.70
CA GLY H 74 -16.58 4.35 -18.31
C GLY H 74 -15.91 5.66 -17.84
N PRO H 75 -15.69 5.77 -16.53
CA PRO H 75 -15.11 6.96 -15.91
C PRO H 75 -13.84 7.40 -16.65
N GLY H 76 -13.88 8.63 -17.15
CA GLY H 76 -12.72 9.24 -17.77
C GLY H 76 -12.41 8.87 -19.21
N GLU H 77 -13.07 7.85 -19.74
CA GLU H 77 -12.87 7.42 -21.12
C GLU H 77 -13.49 8.49 -22.02
N PRO H 78 -12.79 8.88 -23.08
CA PRO H 78 -13.29 9.86 -24.05
C PRO H 78 -14.66 9.51 -24.58
N GLY H 79 -15.50 10.53 -24.72
CA GLY H 79 -16.84 10.33 -25.24
C GLY H 79 -16.90 9.82 -26.66
N PHE H 80 -18.00 9.16 -27.02
CA PHE H 80 -18.27 8.81 -28.40
C PHE H 80 -18.28 10.07 -29.28
N PHE H 81 -17.56 10.00 -30.40
CA PHE H 81 -17.63 11.00 -31.45
C PHE H 81 -18.78 10.76 -32.41
N ARG H 82 -19.54 11.81 -32.68
CA ARG H 82 -20.43 11.98 -33.82
C ARG H 82 -20.55 13.48 -33.96
N ASP H 83 -20.92 14.15 -35.07
CA ASP H 83 -20.83 13.94 -36.51
C ASP H 83 -22.19 13.63 -37.21
N GLN H 84 -23.02 12.78 -36.62
CA GLN H 84 -24.39 12.59 -37.16
C GLN H 84 -25.29 11.89 -36.15
N ASP H 85 -26.62 11.98 -36.32
CA ASP H 85 -27.58 11.19 -35.54
C ASP H 85 -27.27 9.70 -35.84
N GLY H 86 -27.51 8.74 -34.95
CA GLY H 86 -27.57 8.89 -33.54
C GLY H 86 -28.35 7.83 -32.76
N TRP H 87 -28.21 6.52 -32.97
CA TRP H 87 -28.93 5.59 -32.07
C TRP H 87 -27.97 4.66 -31.41
N PHE H 88 -27.96 4.66 -30.07
CA PHE H 88 -27.00 3.87 -29.33
C PHE H 88 -27.65 2.93 -28.32
N ASP H 89 -27.45 1.63 -28.53
CA ASP H 89 -28.02 0.59 -27.66
C ASP H 89 -26.92 -0.40 -27.23
N GLY H 90 -25.70 0.09 -27.10
CA GLY H 90 -24.60 -0.83 -26.96
C GLY H 90 -23.71 -0.84 -28.19
N GLU H 91 -24.29 -0.54 -29.34
CA GLU H 91 -23.53 -0.17 -30.54
C GLU H 91 -24.27 0.97 -31.18
N TRP H 92 -23.61 1.65 -32.11
CA TRP H 92 -24.15 2.82 -32.75
C TRP H 92 -24.86 2.41 -34.03
N HIS H 93 -25.88 3.16 -34.38
CA HIS H 93 -26.60 2.91 -35.62
C HIS H 93 -27.11 4.21 -36.17
N VAL H 94 -27.09 4.35 -37.51
CA VAL H 94 -27.67 5.53 -38.15
C VAL H 94 -29.11 5.54 -37.88
N ASP H 95 -29.72 4.39 -37.88
CA ASP H 95 -31.15 4.31 -37.68
C ASP H 95 -31.49 3.32 -36.57
N ARG H 96 -32.69 3.43 -36.01
CA ARG H 96 -33.10 2.55 -34.93
C ARG H 96 -33.06 1.14 -35.48
N PRO H 97 -32.38 0.22 -34.81
CA PRO H 97 -32.35 -1.20 -35.23
C PRO H 97 -33.75 -1.85 -35.47
C1 GLC I . 12.59 -18.60 12.93
C2 GLC I . 12.16 -17.14 12.71
C3 GLC I . 11.38 -16.65 13.92
C4 GLC I . 10.19 -17.57 14.12
C5 GLC I . 10.66 -18.99 14.32
C6 GLC I . 9.47 -19.92 14.50
O1 GLC I . 13.54 -18.68 13.97
O2 GLC I . 13.27 -16.32 12.48
O3 GLC I . 10.92 -15.30 13.82
O4 GLC I . 9.57 -17.11 15.29
O5 GLC I . 11.46 -19.43 13.22
O6 GLC I . 9.86 -21.26 14.75
C1 GLC I . 8.06 -16.44 15.39
C2 GLC I . 8.09 -15.13 16.15
C3 GLC I . 8.41 -15.39 17.60
C4 GLC I . 7.45 -16.45 18.17
C5 GLC I . 7.58 -17.73 17.38
C6 GLC I . 6.54 -18.74 17.83
O2 GLC I . 9.12 -14.35 15.62
O3 GLC I . 8.31 -14.14 18.27
O4 GLC I . 7.72 -16.72 19.52
O5 GLC I . 7.35 -17.49 15.99
O6 GLC I . 6.49 -19.82 16.92
C1 GLC J . -9.46 6.41 -17.31
C2 GLC J . -8.90 7.77 -16.84
C3 GLC J . -8.31 8.52 -18.00
C4 GLC J . -7.20 7.68 -18.63
C5 GLC J . -7.80 6.32 -19.07
C6 GLC J . -6.75 5.34 -19.60
O1 GLC J . -10.51 6.60 -18.21
O2 GLC J . -9.92 8.60 -16.27
O3 GLC J . -7.90 9.81 -17.56
O4 GLC J . -6.77 8.38 -19.79
O5 GLC J . -8.51 5.67 -18.04
O6 GLC J . -7.30 4.06 -19.91
C1 GLC J . -5.43 8.85 -19.81
C2 GLC J . -5.54 10.28 -20.33
C3 GLC J . -5.98 10.30 -21.83
C4 GLC J . -5.05 9.43 -22.67
C5 GLC J . -5.03 8.01 -22.08
C6 GLC J . -4.07 7.08 -22.82
O2 GLC J . -6.49 11.01 -19.55
O3 GLC J . -5.93 11.63 -22.31
O4 GLC J . -5.54 9.46 -24.00
O5 GLC J . -4.65 8.06 -20.70
O6 GLC J . -3.85 5.88 -22.10
C1 GLC K . 2.86 -7.24 33.03
C2 GLC K . 1.94 -7.27 31.81
C3 GLC K . 2.71 -7.90 30.68
C4 GLC K . 3.96 -7.11 30.36
C5 GLC K . 4.84 -7.03 31.61
C6 GLC K . 5.88 -5.96 31.42
O1 GLC K . 3.25 -8.51 33.40
O2 GLC K . 0.77 -8.07 32.05
O3 GLC K . 1.84 -8.07 29.58
O4 GLC K . 4.69 -7.78 29.35
O5 GLC K . 4.08 -6.59 32.74
O6 GLC K . 6.72 -5.90 32.53
C1 GLC K . 4.81 -7.03 28.13
C2 GLC K . 4.40 -8.01 27.06
C3 GLC K . 5.46 -9.12 26.98
C4 GLC K . 6.86 -8.53 26.78
C5 GLC K . 7.18 -7.50 27.85
C6 GLC K . 8.50 -6.79 27.63
O2 GLC K . 3.13 -8.62 27.39
O3 GLC K . 5.19 -9.99 25.91
O4 GLC K . 7.77 -9.60 26.82
O5 GLC K . 6.14 -6.55 27.87
O6 GLC K . 8.62 -5.75 28.61
C1 GLC L . -4.30 -13.68 34.63
C2 GLC L . -2.92 -13.82 35.29
C3 GLC L . -1.83 -13.78 34.24
C4 GLC L . -2.01 -14.97 33.29
C5 GLC L . -3.41 -14.87 32.68
C6 GLC L . -3.75 -16.13 31.90
O1 GLC L . -4.45 -12.36 34.11
O2 GLC L . -2.72 -12.73 36.14
O3 GLC L . -0.60 -13.77 34.93
O4 GLC L . -1.10 -14.80 32.22
O5 GLC L . -4.45 -14.65 33.63
O6 GLC L . -5.07 -15.93 31.44
C1 GLC L . -0.20 -15.90 32.15
C2 GLC L . 1.15 -15.22 32.01
C3 GLC L . 1.23 -14.50 30.64
C4 GLC L . 0.84 -15.40 29.45
C5 GLC L . -0.50 -16.14 29.73
C6 GLC L . -0.83 -17.17 28.64
O2 GLC L . 1.43 -14.35 33.11
O3 GLC L . 2.58 -14.14 30.56
O4 GLC L . 0.77 -14.62 28.26
O5 GLC L . -0.49 -16.76 31.04
O6 GLC L . -2.02 -17.86 28.96
C1 GLC M . 15.03 -11.26 18.91
C2 GLC M . 14.89 -12.54 19.68
C3 GLC M . 13.78 -12.48 20.68
C4 GLC M . 14.09 -11.35 21.64
C5 GLC M . 14.19 -10.03 20.86
C6 GLC M . 14.63 -8.88 21.77
O1 GLC M . 13.88 -11.08 18.11
O2 GLC M . 14.63 -13.59 18.80
O3 GLC M . 13.69 -13.73 21.36
O4 GLC M . 12.98 -11.27 22.49
O5 GLC M . 15.14 -10.18 19.83
O6 GLC M . 14.71 -7.60 21.18
C1 GLC M . 13.23 -11.57 23.86
C2 GLC M . 12.07 -12.49 24.23
C3 GLC M . 10.70 -11.80 24.10
C4 GLC M . 10.71 -10.48 24.87
C5 GLC M . 11.93 -9.59 24.48
C6 GLC M . 11.96 -8.34 25.36
O2 GLC M . 12.02 -13.65 23.39
O3 GLC M . 9.70 -12.61 24.67
O4 GLC M . 9.44 -9.93 24.68
O5 GLC M . 13.18 -10.34 24.59
O6 GLC M . 12.93 -7.38 24.91
C1 GLC N . 0.63 11.53 -32.61
C2 GLC N . -0.81 11.73 -33.04
C3 GLC N . -1.75 11.59 -31.82
C4 GLC N . -1.53 10.24 -31.12
C5 GLC N . -0.03 10.09 -30.77
C6 GLC N . 0.25 8.73 -30.13
O1 GLC N . 0.99 12.64 -31.84
O2 GLC N . -0.88 13.06 -33.56
O3 GLC N . -3.11 11.82 -32.16
O4 GLC N . -2.20 10.25 -29.89
O5 GLC N . 0.85 10.33 -31.88
O6 GLC N . 1.62 8.59 -29.76
C1 GLC N . -3.34 9.36 -29.89
C2 GLC N . -4.59 10.13 -29.49
C3 GLC N . -4.41 10.65 -28.07
C4 GLC N . -4.04 9.50 -27.14
C5 GLC N . -2.84 8.73 -27.68
C6 GLC N . -2.49 7.47 -26.84
O2 GLC N . -4.82 11.21 -30.38
O3 GLC N . -5.64 11.18 -27.65
O4 GLC N . -3.78 9.99 -25.86
O5 GLC N . -3.15 8.30 -29.01
O6 GLC N . -1.27 6.92 -27.29
C1 GLC O . -1.60 20.88 -35.74
C2 GLC O . -0.49 20.52 -34.78
C3 GLC O . -1.02 19.74 -33.62
C4 GLC O . -2.03 20.65 -32.87
C5 GLC O . -3.14 21.08 -33.85
C6 GLC O . -3.91 22.22 -33.25
O1 GLC O . -2.11 19.67 -36.22
O2 GLC O . 0.50 19.77 -35.45
O3 GLC O . 0.09 19.26 -32.83
O4 GLC O . -2.63 19.89 -31.89
O5 GLC O . -2.66 21.56 -35.13
O6 GLC O . -4.93 22.55 -34.15
C1 GLC O . -2.35 20.33 -30.55
C2 GLC O . -1.95 19.14 -29.68
C3 GLC O . -3.13 18.16 -29.54
C4 GLC O . -4.43 18.82 -29.06
C5 GLC O . -4.68 20.01 -29.93
C6 GLC O . -5.86 20.79 -29.36
O2 GLC O . -0.83 18.53 -30.25
O3 GLC O . -2.82 17.19 -28.58
O4 GLC O . -5.53 17.93 -29.13
O5 GLC O . -3.53 20.85 -29.97
O6 GLC O . -6.15 21.80 -30.29
C1 GLC P . -16.74 12.58 -14.49
C2 GLC P . -16.83 11.40 -15.43
C3 GLC P . -15.82 11.56 -16.57
C4 GLC P . -16.07 12.88 -17.31
C5 GLC P . -16.06 14.05 -16.32
C6 GLC P . -16.51 15.37 -16.96
O1 GLC P . -15.46 12.54 -13.88
O2 GLC P . -16.51 10.25 -14.67
O3 GLC P . -16.00 10.55 -17.51
O4 GLC P . -15.04 13.05 -18.28
O5 GLC P . -16.92 13.80 -15.21
O6 GLC P . -16.17 16.42 -16.11
C1 GLC P . -15.50 13.10 -19.64
C2 GLC P . -14.66 12.12 -20.46
C3 GLC P . -13.21 12.57 -20.49
C4 GLC P . -13.06 14.04 -20.91
C5 GLC P . -14.05 14.97 -20.15
C6 GLC P . -14.04 16.39 -20.75
O2 GLC P . -14.67 10.84 -19.86
O3 GLC P . -12.31 11.68 -21.14
O4 GLC P . -11.74 14.46 -20.63
O5 GLC P . -15.40 14.43 -20.14
O6 GLC P . -14.76 17.30 -19.93
S SO4 Q . -7.45 1.01 4.79
O1 SO4 Q . -8.44 2.08 4.60
O2 SO4 Q . -7.53 0.49 6.16
O3 SO4 Q . -7.74 -0.02 3.79
O4 SO4 Q . -6.10 1.55 4.64
S SO4 R . 13.40 -4.88 -1.86
O1 SO4 R . 12.32 -4.00 -1.43
O2 SO4 R . 13.19 -6.27 -1.43
O3 SO4 R . 13.44 -4.81 -3.33
O4 SO4 R . 14.64 -4.44 -1.24
S SO4 S . 10.10 -19.45 -5.26
O1 SO4 S . 8.86 -19.73 -5.99
O2 SO4 S . 10.01 -20.14 -3.97
O3 SO4 S . 11.24 -20.01 -5.98
O4 SO4 S . 10.35 -18.01 -5.10
S SO4 T . 0.15 -2.98 -7.01
O1 SO4 T . -0.99 -2.79 -7.86
O2 SO4 T . -0.25 -2.77 -5.62
O3 SO4 T . 0.68 -4.31 -7.22
O4 SO4 T . 1.24 -2.05 -7.34
S SO4 U . 0.49 -5.77 15.49
O1 SO4 U . -0.48 -4.70 15.88
O2 SO4 U . 0.13 -7.15 15.86
O3 SO4 U . 0.52 -5.70 13.99
O4 SO4 U . 1.73 -5.66 16.20
S SO4 V . 6.74 -3.91 37.22
O1 SO4 V . 5.35 -4.38 37.02
O2 SO4 V . 7.14 -4.35 38.57
O3 SO4 V . 7.69 -4.49 36.24
O4 SO4 V . 6.76 -2.45 37.13
C1 GLC W . 7.59 -11.73 45.24
C2 GLC W . 6.74 -12.46 44.16
C3 GLC W . 5.34 -12.87 44.69
C4 GLC W . 5.45 -13.52 46.08
C5 GLC W . 6.21 -12.57 47.02
C6 GLC W . 6.23 -13.06 48.47
O1 GLC W . 8.93 -11.63 44.81
O2 GLC W . 6.62 -11.69 42.99
O3 GLC W . 4.71 -13.77 43.79
O4 GLC W . 4.17 -13.86 46.57
O5 GLC W . 7.53 -12.37 46.52
O6 GLC W . 6.60 -11.99 49.29
S SO4 X . -16.26 6.81 -31.06
O1 SO4 X . -17.73 6.37 -30.91
O2 SO4 X . -15.33 6.05 -30.24
O3 SO4 X . -15.90 6.61 -32.48
O4 SO4 X . -16.05 8.21 -30.74
S SO4 Y . 3.04 18.99 -18.79
O1 SO4 Y . 1.82 19.74 -19.00
O2 SO4 Y . 3.36 18.73 -17.32
O3 SO4 Y . 2.93 17.67 -19.38
O4 SO4 Y . 4.10 19.90 -19.33
S SO4 Z . 10.11 34.57 -38.89
O1 SO4 Z . 8.75 34.30 -38.40
O2 SO4 Z . 11.12 33.66 -38.37
O3 SO4 Z . 10.07 34.41 -40.35
O4 SO4 Z . 10.44 35.94 -38.49
#